data_7KVQ
#
_entry.id   7KVQ
#
_cell.length_a   153.861
_cell.length_b   97.360
_cell.length_c   93.229
_cell.angle_alpha   90.00
_cell.angle_beta   124.32
_cell.angle_gamma   90.00
#
_symmetry.space_group_name_H-M   'C 1 2 1'
#
loop_
_entity.id
_entity.type
_entity.pdbx_description
1 polymer 'Cytochrome P450 3A4'
2 non-polymer 'PROTOPORPHYRIN IX CONTAINING FE'
3 non-polymer 'SULFATE ION'
4 non-polymer GLYCEROL
5 non-polymer 1,2-ETHANEDIOL
6 non-polymer 'tert-butyl [(2S)-1-(naphthalen-1-yl)-3-{[(2S)-1-oxo-3-phenyl-1-{[3-(pyridin-3-yl)propyl]amino}propan-2-yl]sulfanyl}propan-2-yl]carbamate'
#
_entity_poly.entity_id   1
_entity_poly.type   'polypeptide(L)'
_entity_poly.pdbx_seq_one_letter_code
;MAYLYGTHSHGLFKKLGIPGPTPLPFLGNILSYHKGFCMFDMECHKKYGKVWGFYDGQQPVLAITDPDMIKTVLVKECYS
VFTNRRPFGPVGFMKSAISIAEDEEWKRLRSLLSPTFTSGKLKEMVPIIAQYGDVLVRNLRREAETGKPVTLKDVFGAYS
MDVITSTSFGVNIDSLNNPQDPFVENTKKLLRFDFLDPFFLSITVFPFLIPILEVLNICVFPREVTNFLRKSVKRMKESR
LEDTQKHRVDFLQLMIDSQNSKETESHKALSDLELVAQSIIFIFAGYETTSSVLSFIMYELATHPDVQQKLQEEIDAVLP
NKAPPTYDTVLQMEYLDMVVNETLRLFPIAMRLERVCKKDVEINGMFIPKGVVVMIPSYALHRDPKYWTEPEKFLPERFS
KKNKDNIDPYIYTPFGSGPRNCIGMRFALMNMKLALIRVLQNFSFKPCKETQIPLKLSLGGLLQPEKPVVLKVESRDGTV
SGAHHHH
;
_entity_poly.pdbx_strand_id   A,B
#
loop_
_chem_comp.id
_chem_comp.type
_chem_comp.name
_chem_comp.formula
EDO non-polymer 1,2-ETHANEDIOL 'C2 H6 O2'
GOL non-polymer GLYCEROL 'C3 H8 O3'
HEM non-polymer 'PROTOPORPHYRIN IX CONTAINING FE' 'C34 H32 Fe N4 O4'
SO4 non-polymer 'SULFATE ION' 'O4 S -2'
X7D non-polymer 'tert-butyl [(2S)-1-(naphthalen-1-yl)-3-{[(2S)-1-oxo-3-phenyl-1-{[3-(pyridin-3-yl)propyl]amino}propan-2-yl]sulfanyl}propan-2-yl]carbamate' 'C35 H41 N3 O3 S'
#
# COMPACT_ATOMS: atom_id res chain seq x y z
N SER A 9 35.94 -26.36 1.18
CA SER A 9 34.80 -25.48 1.33
C SER A 9 33.74 -26.10 2.25
N HIS A 10 33.95 -27.37 2.60
CA HIS A 10 33.06 -28.08 3.50
C HIS A 10 33.44 -27.90 4.97
N GLY A 11 34.37 -27.01 5.27
CA GLY A 11 34.77 -26.75 6.64
C GLY A 11 34.41 -25.36 7.11
N LEU A 12 33.43 -24.74 6.44
CA LEU A 12 33.04 -23.37 6.80
C LEU A 12 32.35 -23.34 8.16
N PHE A 13 31.37 -24.21 8.36
CA PHE A 13 30.66 -24.24 9.64
C PHE A 13 31.52 -24.82 10.76
N LYS A 14 32.56 -25.60 10.42
CA LYS A 14 33.55 -25.97 11.42
C LYS A 14 34.29 -24.75 11.93
N LYS A 15 34.75 -23.89 11.01
CA LYS A 15 35.50 -22.70 11.38
C LYS A 15 34.64 -21.73 12.18
N LEU A 16 33.42 -21.50 11.73
CA LEU A 16 32.53 -20.55 12.41
C LEU A 16 31.97 -21.10 13.72
N GLY A 17 32.29 -22.33 14.09
CA GLY A 17 31.76 -22.91 15.30
C GLY A 17 30.28 -23.19 15.27
N ILE A 18 29.70 -23.30 14.07
CA ILE A 18 28.27 -23.53 13.90
C ILE A 18 28.05 -25.02 13.72
N PRO A 19 27.22 -25.67 14.53
CA PRO A 19 27.03 -27.13 14.40
C PRO A 19 26.23 -27.52 13.18
N GLY A 20 26.08 -28.83 12.96
CA GLY A 20 25.35 -29.34 11.82
C GLY A 20 25.83 -30.72 11.42
N PRO A 21 25.06 -31.39 10.56
CA PRO A 21 25.46 -32.73 10.12
C PRO A 21 26.71 -32.69 9.26
N THR A 22 27.58 -33.67 9.44
CA THR A 22 28.82 -33.74 8.68
C THR A 22 28.52 -34.03 7.22
N PRO A 23 28.99 -33.21 6.29
CA PRO A 23 28.68 -33.42 4.88
C PRO A 23 29.61 -34.43 4.22
N LEU A 24 29.10 -35.07 3.17
CA LEU A 24 29.86 -35.95 2.30
C LEU A 24 30.46 -35.16 1.14
N PRO A 25 31.59 -35.61 0.60
CA PRO A 25 32.18 -34.89 -0.54
C PRO A 25 31.24 -34.83 -1.74
N PHE A 26 31.25 -33.68 -2.41
CA PHE A 26 30.37 -33.41 -3.56
C PHE A 26 28.93 -33.34 -3.21
N LEU A 27 28.38 -34.42 -2.64
CA LEU A 27 26.94 -34.41 -2.23
C LEU A 27 26.61 -33.46 -1.12
N GLY A 28 27.51 -33.28 -0.15
CA GLY A 28 27.19 -32.48 1.02
C GLY A 28 26.27 -33.22 1.97
N ASN A 29 25.05 -32.68 2.18
CA ASN A 29 24.07 -33.29 3.06
C ASN A 29 22.77 -33.61 2.33
N ILE A 30 22.80 -33.64 0.99
CA ILE A 30 21.57 -33.83 0.23
C ILE A 30 21.01 -35.24 0.39
N LEU A 31 21.83 -36.21 0.82
CA LEU A 31 21.31 -37.55 1.08
C LEU A 31 20.36 -37.57 2.26
N SER A 32 20.46 -36.61 3.18
CA SER A 32 19.53 -36.51 4.29
C SER A 32 18.16 -36.01 3.88
N TYR A 33 17.97 -35.65 2.60
CA TYR A 33 16.68 -35.23 2.09
C TYR A 33 15.77 -36.39 1.72
N HIS A 34 16.10 -37.62 2.13
CA HIS A 34 15.28 -38.77 1.79
C HIS A 34 13.92 -38.73 2.47
N LYS A 35 13.77 -37.92 3.53
CA LYS A 35 12.48 -37.69 4.16
C LYS A 35 11.89 -36.34 3.79
N GLY A 36 12.56 -35.58 2.93
CA GLY A 36 12.11 -34.26 2.52
C GLY A 36 12.79 -33.16 3.32
N PHE A 37 12.57 -31.93 2.87
CA PHE A 37 13.14 -30.76 3.56
C PHE A 37 12.56 -30.62 4.96
N CYS A 38 11.29 -30.97 5.13
CA CYS A 38 10.61 -30.73 6.41
C CYS A 38 11.22 -31.57 7.52
N MET A 39 11.24 -32.89 7.37
CA MET A 39 11.74 -33.76 8.43
C MET A 39 13.23 -33.54 8.66
N PHE A 40 13.97 -33.13 7.62
CA PHE A 40 15.38 -32.82 7.81
C PHE A 40 15.57 -31.55 8.62
N ASP A 41 14.69 -30.56 8.44
CA ASP A 41 14.79 -29.33 9.21
C ASP A 41 14.37 -29.53 10.66
N MET A 42 13.36 -30.39 10.89
CA MET A 42 12.89 -30.65 12.24
CA MET A 42 12.90 -30.63 12.25
C MET A 42 13.96 -31.37 13.06
N GLU A 43 14.57 -32.40 12.48
CA GLU A 43 15.60 -33.16 13.20
C GLU A 43 16.81 -32.29 13.52
N CYS A 44 17.22 -31.45 12.57
CA CYS A 44 18.35 -30.56 12.82
C CYS A 44 18.01 -29.51 13.86
N HIS A 45 16.74 -29.08 13.93
CA HIS A 45 16.35 -28.12 14.95
C HIS A 45 16.42 -28.72 16.34
N LYS A 46 16.18 -30.03 16.46
CA LYS A 46 16.23 -30.70 17.75
C LYS A 46 17.64 -31.16 18.11
N LYS A 47 18.48 -31.47 17.12
CA LYS A 47 19.82 -31.95 17.40
C LYS A 47 20.77 -30.80 17.74
N TYR A 48 20.69 -29.69 17.02
CA TYR A 48 21.71 -28.65 17.11
C TYR A 48 21.24 -27.35 17.75
N GLY A 49 19.94 -27.14 17.89
CA GLY A 49 19.45 -25.99 18.62
C GLY A 49 18.97 -24.84 17.78
N LYS A 50 19.38 -23.62 18.17
CA LYS A 50 18.84 -22.42 17.54
C LYS A 50 19.46 -22.12 16.17
N VAL A 51 20.70 -22.54 15.96
CA VAL A 51 21.42 -22.24 14.72
C VAL A 51 22.25 -23.46 14.32
N TRP A 52 22.11 -23.88 13.07
CA TRP A 52 22.89 -24.98 12.54
C TRP A 52 23.19 -24.70 11.06
N GLY A 53 24.14 -25.45 10.52
CA GLY A 53 24.55 -25.26 9.15
C GLY A 53 24.70 -26.58 8.43
N PHE A 54 24.47 -26.56 7.12
CA PHE A 54 24.62 -27.73 6.28
C PHE A 54 25.00 -27.26 4.87
N TYR A 55 25.16 -28.22 3.96
CA TYR A 55 25.66 -27.94 2.63
C TYR A 55 24.76 -28.61 1.59
N ASP A 56 24.28 -27.82 0.64
CA ASP A 56 23.58 -28.36 -0.54
C ASP A 56 24.61 -28.52 -1.65
N GLY A 57 25.38 -29.61 -1.54
CA GLY A 57 26.51 -29.82 -2.42
C GLY A 57 27.73 -29.07 -1.95
N GLN A 58 28.11 -28.01 -2.66
CA GLN A 58 29.18 -27.12 -2.24
C GLN A 58 28.65 -25.79 -1.71
N GLN A 59 27.32 -25.65 -1.59
CA GLN A 59 26.71 -24.40 -1.16
C GLN A 59 26.42 -24.47 0.34
N PRO A 60 27.11 -23.70 1.18
CA PRO A 60 26.79 -23.69 2.60
C PRO A 60 25.47 -22.98 2.86
N VAL A 61 24.64 -23.59 3.70
CA VAL A 61 23.33 -23.06 4.05
C VAL A 61 23.27 -22.91 5.57
N LEU A 62 23.04 -21.70 6.04
CA LEU A 62 22.96 -21.41 7.47
C LEU A 62 21.50 -21.24 7.86
N ALA A 63 21.04 -22.07 8.80
CA ALA A 63 19.67 -22.03 9.27
C ALA A 63 19.59 -21.26 10.58
N ILE A 64 18.65 -20.31 10.66
CA ILE A 64 18.48 -19.48 11.85
C ILE A 64 17.05 -19.65 12.35
N THR A 65 16.88 -19.53 13.66
CA THR A 65 15.57 -19.66 14.29
C THR A 65 15.28 -18.53 15.28
N ASP A 66 16.17 -17.54 15.40
CA ASP A 66 15.95 -16.46 16.36
C ASP A 66 15.12 -15.35 15.72
N PRO A 67 14.02 -14.94 16.36
CA PRO A 67 13.17 -13.90 15.75
C PRO A 67 13.89 -12.59 15.49
N ASP A 68 14.77 -12.16 16.40
CA ASP A 68 15.54 -10.94 16.16
C ASP A 68 16.46 -11.11 14.97
N MET A 69 17.11 -12.26 14.84
CA MET A 69 17.99 -12.51 13.70
C MET A 69 17.21 -12.72 12.42
N ILE A 70 16.02 -13.33 12.51
CA ILE A 70 15.17 -13.48 11.34
C ILE A 70 14.65 -12.14 10.87
N LYS A 71 14.30 -11.26 11.81
CA LYS A 71 13.84 -9.92 11.46
C LYS A 71 14.94 -9.14 10.75
N THR A 72 16.18 -9.30 11.20
CA THR A 72 17.29 -8.57 10.57
C THR A 72 17.52 -9.03 9.14
N VAL A 73 17.41 -10.33 8.88
CA VAL A 73 17.64 -10.85 7.54
C VAL A 73 16.52 -10.45 6.60
N LEU A 74 15.28 -10.59 7.05
CA LEU A 74 14.14 -10.38 6.15
C LEU A 74 13.74 -8.92 6.03
N VAL A 75 13.90 -8.13 7.09
CA VAL A 75 13.38 -6.76 7.15
C VAL A 75 14.50 -5.74 7.20
N LYS A 76 15.34 -5.78 8.23
CA LYS A 76 16.30 -4.70 8.46
C LYS A 76 17.36 -4.64 7.38
N GLU A 77 18.04 -5.76 7.11
CA GLU A 77 19.14 -5.82 6.17
C GLU A 77 18.73 -6.48 4.86
N CYS A 78 17.52 -6.19 4.38
CA CYS A 78 17.05 -6.78 3.13
C CYS A 78 17.68 -6.10 1.92
N TYR A 79 17.47 -4.78 1.79
CA TYR A 79 17.98 -4.04 0.64
C TYR A 79 19.51 -4.01 0.58
N SER A 80 20.19 -4.16 1.71
CA SER A 80 21.64 -4.02 1.76
C SER A 80 22.40 -5.35 1.66
N VAL A 81 21.87 -6.42 2.25
CA VAL A 81 22.61 -7.67 2.33
C VAL A 81 21.79 -8.83 1.81
N PHE A 82 20.58 -9.00 2.35
CA PHE A 82 19.75 -10.16 2.02
C PHE A 82 18.64 -9.75 1.06
N THR A 83 19.05 -9.42 -0.17
CA THR A 83 18.12 -8.95 -1.19
C THR A 83 17.62 -10.08 -2.09
N ASN A 84 18.50 -10.97 -2.51
CA ASN A 84 18.18 -12.01 -3.47
C ASN A 84 18.10 -13.38 -2.79
N ARG A 85 17.32 -14.27 -3.39
CA ARG A 85 17.26 -15.65 -2.96
C ARG A 85 18.37 -16.44 -3.63
N ARG A 86 18.47 -17.73 -3.29
CA ARG A 86 19.49 -18.57 -3.90
C ARG A 86 19.25 -18.67 -5.40
N PRO A 87 20.28 -18.56 -6.23
CA PRO A 87 20.09 -18.56 -7.68
C PRO A 87 19.37 -19.81 -8.17
N PHE A 88 18.50 -19.63 -9.16
CA PHE A 88 17.67 -20.69 -9.69
C PHE A 88 17.78 -20.69 -11.21
N GLY A 89 18.21 -21.81 -11.78
CA GLY A 89 18.37 -21.94 -13.21
C GLY A 89 18.50 -23.39 -13.64
N PRO A 90 18.50 -23.62 -14.96
CA PRO A 90 18.36 -22.62 -16.02
C PRO A 90 16.92 -22.14 -16.20
N VAL A 91 16.75 -20.85 -16.47
CA VAL A 91 15.42 -20.26 -16.56
C VAL A 91 15.15 -19.58 -17.89
N GLY A 92 16.17 -19.24 -18.67
CA GLY A 92 15.92 -18.58 -19.95
C GLY A 92 15.43 -17.16 -19.74
N PHE A 93 14.33 -16.82 -20.40
CA PHE A 93 13.76 -15.49 -20.25
C PHE A 93 13.09 -15.29 -18.90
N MET A 94 12.80 -16.39 -18.18
CA MET A 94 12.19 -16.30 -16.87
C MET A 94 13.13 -15.76 -15.81
N LYS A 95 14.37 -15.39 -16.17
CA LYS A 95 15.27 -14.73 -15.23
C LYS A 95 14.73 -13.37 -14.79
N SER A 96 13.87 -12.76 -15.59
CA SER A 96 13.29 -11.46 -15.29
C SER A 96 12.03 -11.56 -14.45
N ALA A 97 11.68 -12.76 -13.97
CA ALA A 97 10.54 -12.91 -13.09
C ALA A 97 10.83 -12.24 -11.75
N ILE A 98 9.80 -11.63 -11.17
CA ILE A 98 9.99 -10.88 -9.92
C ILE A 98 10.51 -11.78 -8.81
N SER A 99 10.03 -13.03 -8.77
CA SER A 99 10.51 -13.97 -7.76
C SER A 99 11.93 -14.44 -8.03
N ILE A 100 12.42 -14.29 -9.28
CA ILE A 100 13.76 -14.70 -9.63
C ILE A 100 14.70 -13.52 -9.87
N ALA A 101 14.17 -12.34 -10.19
CA ALA A 101 15.02 -11.18 -10.46
C ALA A 101 15.85 -10.82 -9.23
N GLU A 102 16.93 -10.09 -9.47
CA GLU A 102 17.90 -9.76 -8.42
C GLU A 102 18.24 -8.29 -8.45
N ASP A 103 18.49 -7.74 -7.26
CA ASP A 103 19.10 -6.42 -7.06
C ASP A 103 18.24 -5.35 -7.72
N GLU A 104 18.76 -4.61 -8.71
CA GLU A 104 18.03 -3.46 -9.24
C GLU A 104 16.80 -3.89 -10.03
N GLU A 105 16.90 -5.00 -10.77
CA GLU A 105 15.77 -5.44 -11.59
C GLU A 105 14.58 -5.83 -10.73
N TRP A 106 14.83 -6.53 -9.62
CA TRP A 106 13.73 -6.88 -8.72
C TRP A 106 13.12 -5.64 -8.08
N LYS A 107 13.96 -4.67 -7.70
CA LYS A 107 13.46 -3.45 -7.07
C LYS A 107 12.57 -2.67 -8.02
N ARG A 108 12.91 -2.68 -9.31
CA ARG A 108 12.09 -1.98 -10.30
C ARG A 108 10.78 -2.73 -10.55
N LEU A 109 10.81 -4.06 -10.51
CA LEU A 109 9.61 -4.85 -10.78
C LEU A 109 8.66 -4.87 -9.59
N ARG A 110 9.21 -4.90 -8.37
CA ARG A 110 8.36 -4.90 -7.18
C ARG A 110 7.55 -3.61 -7.09
N SER A 111 8.17 -2.47 -7.35
CA SER A 111 7.45 -1.20 -7.36
C SER A 111 6.45 -1.13 -8.51
N LEU A 112 6.73 -1.83 -9.61
CA LEU A 112 5.84 -1.79 -10.76
C LEU A 112 4.57 -2.61 -10.50
N LEU A 113 4.70 -3.71 -9.76
CA LEU A 113 3.59 -4.62 -9.51
C LEU A 113 2.97 -4.43 -8.13
N SER A 114 3.43 -3.42 -7.36
CA SER A 114 2.83 -3.20 -6.04
C SER A 114 1.39 -2.69 -6.15
N PRO A 115 1.04 -1.71 -7.04
CA PRO A 115 -0.35 -1.22 -7.05
C PRO A 115 -1.36 -2.25 -7.53
N THR A 116 -0.89 -3.43 -7.95
CA THR A 116 -1.81 -4.46 -8.40
C THR A 116 -2.64 -5.02 -7.25
N PHE A 117 -2.06 -5.09 -6.05
CA PHE A 117 -2.77 -5.70 -4.93
C PHE A 117 -3.06 -4.71 -3.81
N THR A 118 -3.62 -3.56 -4.16
CA THR A 118 -4.07 -2.63 -3.14
C THR A 118 -5.45 -3.02 -2.64
N SER A 119 -5.87 -2.40 -1.53
CA SER A 119 -7.21 -2.66 -1.00
C SER A 119 -8.29 -2.18 -1.95
N GLY A 120 -7.99 -1.24 -2.85
CA GLY A 120 -8.94 -0.79 -3.83
C GLY A 120 -9.00 -1.70 -5.04
N LYS A 121 -7.84 -2.20 -5.47
CA LYS A 121 -7.81 -3.13 -6.60
C LYS A 121 -8.38 -4.50 -6.21
N LEU A 122 -8.21 -4.89 -4.95
CA LEU A 122 -8.77 -6.16 -4.49
C LEU A 122 -10.29 -6.07 -4.33
N LYS A 123 -10.78 -4.94 -3.82
CA LYS A 123 -12.22 -4.75 -3.67
C LYS A 123 -12.94 -4.75 -5.01
N GLU A 124 -12.23 -4.41 -6.10
CA GLU A 124 -12.81 -4.50 -7.43
C GLU A 124 -12.89 -5.93 -7.94
N MET A 125 -12.16 -6.86 -7.33
CA MET A 125 -12.14 -8.24 -7.79
C MET A 125 -13.20 -9.11 -7.15
N VAL A 126 -13.80 -8.67 -6.04
CA VAL A 126 -14.81 -9.48 -5.37
C VAL A 126 -16.01 -9.77 -6.27
N PRO A 127 -16.58 -8.79 -6.99
CA PRO A 127 -17.69 -9.14 -7.90
C PRO A 127 -17.29 -10.09 -9.02
N ILE A 128 -16.02 -10.03 -9.46
CA ILE A 128 -15.56 -10.94 -10.50
C ILE A 128 -15.36 -12.34 -9.94
N ILE A 129 -14.73 -12.44 -8.76
CA ILE A 129 -14.53 -13.74 -8.13
C ILE A 129 -15.87 -14.34 -7.71
N ALA A 130 -16.86 -13.49 -7.42
CA ALA A 130 -18.17 -13.99 -7.01
C ALA A 130 -18.84 -14.79 -8.12
N GLN A 131 -18.47 -14.54 -9.38
CA GLN A 131 -19.02 -15.33 -10.48
C GLN A 131 -18.56 -16.77 -10.41
N TYR A 132 -17.25 -16.98 -10.30
CA TYR A 132 -16.70 -18.34 -10.26
C TYR A 132 -16.94 -19.04 -8.94
N GLY A 133 -17.33 -18.31 -7.89
CA GLY A 133 -17.76 -18.96 -6.67
C GLY A 133 -19.04 -19.75 -6.84
N ASP A 134 -19.93 -19.27 -7.71
CA ASP A 134 -21.15 -20.02 -8.01
C ASP A 134 -20.88 -21.20 -8.94
N VAL A 135 -19.96 -21.02 -9.89
CA VAL A 135 -19.55 -22.13 -10.75
C VAL A 135 -18.89 -23.22 -9.93
N LEU A 136 -18.17 -22.84 -8.88
CA LEU A 136 -17.57 -23.83 -7.99
C LEU A 136 -18.63 -24.63 -7.25
N VAL A 137 -19.78 -24.01 -6.95
CA VAL A 137 -20.85 -24.70 -6.24
C VAL A 137 -21.60 -25.65 -7.18
N ARG A 138 -21.95 -25.16 -8.37
CA ARG A 138 -22.71 -25.99 -9.31
C ARG A 138 -21.92 -27.21 -9.76
N ASN A 139 -20.60 -27.07 -9.88
CA ASN A 139 -19.78 -28.23 -10.21
C ASN A 139 -19.68 -29.20 -9.02
N LEU A 140 -19.67 -28.66 -7.80
CA LEU A 140 -19.70 -29.52 -6.62
C LEU A 140 -21.08 -30.12 -6.37
N ARG A 141 -22.14 -29.40 -6.73
CA ARG A 141 -23.49 -29.93 -6.52
C ARG A 141 -23.76 -31.14 -7.39
N ARG A 142 -23.16 -31.19 -8.58
CA ARG A 142 -23.31 -32.37 -9.43
C ARG A 142 -22.65 -33.59 -8.80
N GLU A 143 -21.45 -33.41 -8.24
CA GLU A 143 -20.76 -34.50 -7.55
C GLU A 143 -21.28 -34.74 -6.14
N ALA A 144 -22.19 -33.90 -5.65
CA ALA A 144 -22.79 -34.10 -4.33
C ALA A 144 -24.16 -34.74 -4.39
N GLU A 145 -25.05 -34.49 -5.42
CA GLU A 145 -26.35 -35.13 -5.62
C GLU A 145 -26.23 -36.64 -5.80
N THR A 146 -25.02 -37.15 -5.98
CA THR A 146 -24.79 -38.59 -6.12
C THR A 146 -23.62 -38.98 -5.23
N GLY A 147 -23.87 -39.89 -4.29
CA GLY A 147 -22.84 -40.38 -3.40
C GLY A 147 -21.59 -40.84 -4.13
N LYS A 148 -20.53 -40.05 -4.02
CA LYS A 148 -19.26 -40.37 -4.67
C LYS A 148 -18.15 -39.43 -4.21
N PRO A 149 -16.94 -40.03 -3.92
CA PRO A 149 -15.89 -39.09 -3.49
C PRO A 149 -15.70 -37.95 -4.49
N VAL A 150 -14.89 -36.96 -4.12
CA VAL A 150 -14.62 -35.82 -4.99
C VAL A 150 -13.23 -35.25 -4.75
N THR A 151 -12.49 -35.04 -5.82
CA THR A 151 -11.13 -34.50 -5.73
C THR A 151 -11.16 -32.98 -5.60
N LEU A 152 -10.67 -32.47 -4.47
CA LEU A 152 -10.64 -31.05 -4.22
C LEU A 152 -9.63 -30.34 -5.12
N LYS A 153 -8.38 -30.78 -5.05
CA LYS A 153 -7.32 -30.20 -5.87
C LYS A 153 -7.77 -30.02 -7.31
N ASP A 154 -8.67 -30.89 -7.76
CA ASP A 154 -9.18 -30.83 -9.12
C ASP A 154 -10.19 -29.69 -9.28
N VAL A 155 -11.22 -29.70 -8.44
CA VAL A 155 -12.25 -28.67 -8.48
C VAL A 155 -11.69 -27.30 -8.06
N PHE A 156 -10.77 -27.33 -7.10
CA PHE A 156 -10.15 -26.10 -6.60
C PHE A 156 -9.19 -25.49 -7.61
N GLY A 157 -8.51 -26.33 -8.40
CA GLY A 157 -7.61 -25.81 -9.41
C GLY A 157 -8.34 -25.14 -10.56
N ALA A 158 -9.52 -25.67 -10.92
CA ALA A 158 -10.31 -25.04 -11.98
C ALA A 158 -10.82 -23.68 -11.53
N TYR A 159 -11.25 -23.57 -10.27
CA TYR A 159 -11.68 -22.28 -9.74
C TYR A 159 -10.51 -21.30 -9.64
N SER A 160 -9.35 -21.78 -9.18
CA SER A 160 -8.20 -20.90 -9.02
C SER A 160 -7.71 -20.36 -10.35
N MET A 161 -7.85 -21.14 -11.43
CA MET A 161 -7.40 -20.69 -12.73
C MET A 161 -8.28 -19.55 -13.25
N ASP A 162 -9.60 -19.67 -13.08
CA ASP A 162 -10.51 -18.63 -13.55
C ASP A 162 -10.33 -17.33 -12.79
N VAL A 163 -9.96 -17.41 -11.52
CA VAL A 163 -9.75 -16.20 -10.73
C VAL A 163 -8.52 -15.44 -11.22
N ILE A 164 -7.45 -16.18 -11.58
CA ILE A 164 -6.23 -15.50 -11.97
C ILE A 164 -6.29 -15.05 -13.43
N THR A 165 -7.02 -15.76 -14.29
CA THR A 165 -7.09 -15.38 -15.69
C THR A 165 -7.98 -14.15 -15.90
N SER A 166 -8.91 -13.89 -15.00
CA SER A 166 -9.85 -12.78 -15.15
C SER A 166 -9.48 -11.56 -14.31
N THR A 167 -8.94 -11.76 -13.10
CA THR A 167 -8.57 -10.61 -12.27
C THR A 167 -7.31 -9.93 -12.78
N SER A 168 -6.45 -10.65 -13.50
CA SER A 168 -5.20 -10.09 -13.99
C SER A 168 -5.23 -9.76 -15.47
N PHE A 169 -6.00 -10.48 -16.27
CA PHE A 169 -6.09 -10.24 -17.70
C PHE A 169 -7.48 -9.85 -18.18
N GLY A 170 -8.54 -10.27 -17.47
CA GLY A 170 -9.89 -9.99 -17.91
C GLY A 170 -10.40 -10.94 -18.97
N VAL A 171 -9.88 -12.17 -19.00
CA VAL A 171 -10.24 -13.17 -20.01
C VAL A 171 -10.90 -14.34 -19.30
N ASN A 172 -12.12 -14.67 -19.72
CA ASN A 172 -12.83 -15.83 -19.21
C ASN A 172 -12.53 -17.00 -20.14
N ILE A 173 -11.72 -17.94 -19.66
CA ILE A 173 -11.24 -19.05 -20.48
C ILE A 173 -11.83 -20.39 -20.08
N ASP A 174 -12.64 -20.43 -19.01
CA ASP A 174 -13.22 -21.69 -18.52
C ASP A 174 -14.73 -21.46 -18.34
N SER A 175 -15.45 -21.47 -19.46
CA SER A 175 -16.89 -21.25 -19.43
C SER A 175 -17.62 -22.45 -18.83
N LEU A 176 -17.79 -22.44 -17.51
CA LEU A 176 -18.51 -23.46 -16.76
C LEU A 176 -17.91 -24.86 -16.92
N ASN A 177 -16.69 -24.97 -17.43
CA ASN A 177 -15.98 -26.24 -17.65
C ASN A 177 -16.67 -27.09 -18.70
N ASN A 178 -15.96 -27.54 -19.75
CA ASN A 178 -14.52 -27.39 -20.04
C ASN A 178 -13.59 -27.86 -18.90
N PRO A 179 -13.57 -29.17 -18.64
CA PRO A 179 -12.71 -29.70 -17.58
C PRO A 179 -11.27 -29.88 -18.05
N GLN A 180 -11.10 -30.23 -19.32
CA GLN A 180 -9.78 -30.39 -19.93
C GLN A 180 -9.25 -29.06 -20.45
N ASP A 181 -9.24 -28.05 -19.57
CA ASP A 181 -8.79 -26.73 -19.96
C ASP A 181 -7.29 -26.76 -20.24
N PRO A 182 -6.82 -26.18 -21.36
CA PRO A 182 -5.39 -26.27 -21.67
C PRO A 182 -4.51 -25.46 -20.73
N PHE A 183 -5.05 -24.42 -20.10
CA PHE A 183 -4.26 -23.66 -19.13
C PHE A 183 -3.93 -24.49 -17.91
N VAL A 184 -4.94 -25.13 -17.31
CA VAL A 184 -4.71 -25.97 -16.14
C VAL A 184 -3.85 -27.17 -16.50
N GLU A 185 -4.04 -27.71 -17.70
CA GLU A 185 -3.25 -28.87 -18.13
C GLU A 185 -1.78 -28.52 -18.26
N ASN A 186 -1.48 -27.33 -18.78
CA ASN A 186 -0.08 -26.93 -18.96
C ASN A 186 0.52 -26.38 -17.68
N THR A 187 -0.28 -25.66 -16.88
CA THR A 187 0.26 -25.01 -15.69
C THR A 187 0.68 -26.02 -14.62
N LYS A 188 -0.03 -27.15 -14.53
CA LYS A 188 0.30 -28.12 -13.48
C LYS A 188 1.64 -28.79 -13.76
N LYS A 189 2.01 -28.96 -15.03
CA LYS A 189 3.29 -29.54 -15.40
C LYS A 189 4.35 -28.48 -15.69
N LEU A 190 4.13 -27.25 -15.21
CA LEU A 190 5.09 -26.18 -15.46
C LEU A 190 6.37 -26.38 -14.68
N LEU A 191 6.28 -26.93 -13.46
CA LEU A 191 7.45 -27.22 -12.64
C LEU A 191 7.07 -28.11 -11.46
N ARG A 192 7.73 -29.26 -11.33
CA ARG A 192 7.61 -30.12 -10.16
C ARG A 192 9.02 -30.51 -9.73
N PHE A 193 9.56 -29.78 -8.75
CA PHE A 193 10.90 -30.05 -8.25
C PHE A 193 10.92 -31.41 -7.56
N ASP A 194 11.23 -32.46 -8.33
CA ASP A 194 11.31 -33.82 -7.80
C ASP A 194 12.78 -34.17 -7.59
N PHE A 195 13.15 -34.47 -6.34
CA PHE A 195 14.54 -34.77 -6.02
C PHE A 195 14.98 -36.10 -6.57
N LEU A 196 14.05 -37.01 -6.89
CA LEU A 196 14.42 -38.26 -7.53
C LEU A 196 14.96 -38.04 -8.94
N ASP A 197 14.54 -36.96 -9.58
CA ASP A 197 15.02 -36.63 -10.92
C ASP A 197 16.50 -36.30 -10.87
N PRO A 198 17.35 -36.96 -11.64
CA PRO A 198 18.77 -36.58 -11.67
C PRO A 198 19.03 -35.18 -12.20
N PHE A 199 18.01 -34.50 -12.72
CA PHE A 199 18.19 -33.14 -13.24
C PHE A 199 18.29 -32.13 -12.10
N PHE A 200 17.21 -31.97 -11.32
CA PHE A 200 17.26 -31.10 -10.16
C PHE A 200 18.24 -31.59 -9.11
N LEU A 201 18.52 -32.90 -9.09
CA LEU A 201 19.55 -33.42 -8.20
C LEU A 201 20.92 -32.87 -8.59
N SER A 202 21.26 -32.94 -9.88
CA SER A 202 22.55 -32.44 -10.34
C SER A 202 22.61 -30.92 -10.36
N ILE A 203 21.47 -30.24 -10.47
CA ILE A 203 21.46 -28.79 -10.42
C ILE A 203 21.99 -28.29 -9.09
N THR A 204 21.55 -28.91 -7.99
CA THR A 204 21.97 -28.47 -6.67
C THR A 204 23.34 -29.02 -6.30
N VAL A 205 23.64 -30.27 -6.69
CA VAL A 205 24.91 -30.88 -6.32
C VAL A 205 26.04 -30.31 -7.17
N PHE A 206 25.82 -30.14 -8.47
CA PHE A 206 26.81 -29.59 -9.40
C PHE A 206 26.23 -28.34 -10.04
N PRO A 207 26.47 -27.16 -9.45
CA PRO A 207 25.82 -25.93 -9.95
C PRO A 207 26.50 -25.29 -11.14
N PHE A 208 27.73 -25.68 -11.49
CA PHE A 208 28.40 -25.05 -12.61
C PHE A 208 27.88 -25.53 -13.97
N LEU A 209 26.95 -26.48 -13.98
CA LEU A 209 26.34 -26.94 -15.22
C LEU A 209 25.19 -26.04 -15.68
N ILE A 210 24.75 -25.11 -14.83
CA ILE A 210 23.68 -24.20 -15.24
C ILE A 210 24.09 -23.33 -16.42
N PRO A 211 25.27 -22.69 -16.44
CA PRO A 211 25.63 -21.91 -17.64
C PRO A 211 25.73 -22.75 -18.90
N ILE A 212 26.04 -24.05 -18.77
CA ILE A 212 26.04 -24.91 -19.94
C ILE A 212 24.61 -25.10 -20.46
N LEU A 213 23.66 -25.35 -19.55
CA LEU A 213 22.28 -25.56 -19.96
C LEU A 213 21.64 -24.28 -20.47
N GLU A 214 22.10 -23.11 -20.00
CA GLU A 214 21.53 -21.86 -20.45
C GLU A 214 21.88 -21.57 -21.91
N VAL A 215 23.14 -21.81 -22.29
CA VAL A 215 23.53 -21.61 -23.68
C VAL A 215 22.97 -22.70 -24.58
N LEU A 216 22.59 -23.84 -24.01
CA LEU A 216 21.92 -24.91 -24.74
C LEU A 216 20.42 -24.67 -24.89
N ASN A 217 19.93 -23.48 -24.51
CA ASN A 217 18.52 -23.13 -24.55
C ASN A 217 17.67 -24.06 -23.70
N ILE A 218 18.29 -24.77 -22.76
CA ILE A 218 17.57 -25.69 -21.88
C ILE A 218 16.97 -24.90 -20.72
N CYS A 219 15.74 -25.25 -20.34
CA CYS A 219 15.04 -24.56 -19.28
C CYS A 219 14.35 -25.57 -18.38
N VAL A 220 14.31 -25.27 -17.08
CA VAL A 220 13.63 -26.16 -16.14
C VAL A 220 12.13 -26.23 -16.42
N PHE A 221 11.57 -25.20 -17.04
CA PHE A 221 10.18 -25.23 -17.45
C PHE A 221 10.09 -25.76 -18.88
N PRO A 222 9.27 -26.79 -19.13
CA PRO A 222 9.24 -27.38 -20.47
C PRO A 222 8.82 -26.38 -21.54
N ARG A 223 9.39 -26.57 -22.74
CA ARG A 223 9.15 -25.63 -23.83
C ARG A 223 7.69 -25.60 -24.23
N GLU A 224 7.02 -26.76 -24.26
CA GLU A 224 5.63 -26.80 -24.68
C GLU A 224 4.72 -26.01 -23.74
N VAL A 225 5.06 -25.98 -22.44
CA VAL A 225 4.26 -25.21 -21.50
C VAL A 225 4.58 -23.73 -21.60
N THR A 226 5.86 -23.38 -21.76
CA THR A 226 6.23 -21.97 -21.88
C THR A 226 5.65 -21.38 -23.16
N ASN A 227 5.75 -22.09 -24.27
CA ASN A 227 5.19 -21.60 -25.53
C ASN A 227 3.68 -21.37 -25.41
N PHE A 228 2.98 -22.32 -24.79
CA PHE A 228 1.53 -22.19 -24.65
C PHE A 228 1.16 -20.94 -23.86
N LEU A 229 1.92 -20.63 -22.81
CA LEU A 229 1.68 -19.41 -22.05
C LEU A 229 2.27 -18.18 -22.74
N ARG A 230 3.35 -18.36 -23.50
CA ARG A 230 3.98 -17.23 -24.18
C ARG A 230 3.10 -16.69 -25.30
N LYS A 231 2.50 -17.58 -26.10
CA LYS A 231 1.61 -17.15 -27.16
C LYS A 231 0.22 -16.78 -26.66
N SER A 232 -0.14 -17.22 -25.45
CA SER A 232 -1.44 -16.84 -24.89
C SER A 232 -1.44 -15.40 -24.38
N VAL A 233 -0.34 -14.97 -23.77
CA VAL A 233 -0.24 -13.59 -23.32
C VAL A 233 -0.22 -12.64 -24.51
N LYS A 234 0.53 -13.00 -25.56
CA LYS A 234 0.48 -12.22 -26.80
C LYS A 234 -0.91 -12.25 -27.42
N ARG A 235 -1.68 -13.31 -27.15
CA ARG A 235 -3.08 -13.35 -27.55
C ARG A 235 -3.94 -12.50 -26.64
N MET A 236 -3.59 -12.40 -25.35
CA MET A 236 -4.34 -11.59 -24.40
C MET A 236 -3.96 -10.12 -24.43
N LYS A 237 -2.89 -9.75 -25.15
CA LYS A 237 -2.36 -8.39 -25.10
C LYS A 237 -2.98 -7.46 -26.13
N GLU A 238 -4.07 -7.87 -26.78
CA GLU A 238 -4.73 -7.00 -27.75
C GLU A 238 -5.30 -5.76 -27.06
N SER A 239 -6.33 -5.94 -26.24
CA SER A 239 -6.91 -4.87 -25.43
C SER A 239 -7.35 -3.69 -26.30
N ARG A 240 -8.29 -3.97 -27.20
CA ARG A 240 -8.86 -2.95 -28.06
C ARG A 240 -10.26 -3.33 -28.54
N HIS A 247 -10.56 -2.71 -20.79
CA HIS A 247 -10.94 -3.11 -19.44
C HIS A 247 -10.37 -2.15 -18.40
N ARG A 248 -10.66 -2.43 -17.13
CA ARG A 248 -10.23 -1.56 -16.03
C ARG A 248 -8.73 -1.73 -15.79
N VAL A 249 -8.24 -1.10 -14.73
CA VAL A 249 -6.82 -1.16 -14.37
C VAL A 249 -6.59 -2.46 -13.61
N ASP A 250 -5.91 -3.41 -14.23
CA ASP A 250 -5.59 -4.68 -13.59
C ASP A 250 -4.10 -4.97 -13.63
N PHE A 251 -3.75 -6.26 -13.62
CA PHE A 251 -2.35 -6.66 -13.70
C PHE A 251 -1.80 -6.54 -15.11
N LEU A 252 -2.64 -6.80 -16.12
CA LEU A 252 -2.20 -6.66 -17.50
C LEU A 252 -2.16 -5.20 -17.95
N GLN A 253 -3.05 -4.36 -17.41
CA GLN A 253 -3.10 -2.96 -17.81
C GLN A 253 -1.96 -2.16 -17.19
N LEU A 254 -1.60 -2.46 -15.94
CA LEU A 254 -0.50 -1.75 -15.30
C LEU A 254 0.81 -1.97 -16.04
N MET A 255 1.05 -3.20 -16.51
CA MET A 255 2.29 -3.48 -17.22
C MET A 255 2.29 -2.91 -18.63
N ILE A 256 1.10 -2.73 -19.23
CA ILE A 256 1.02 -2.15 -20.56
C ILE A 256 1.10 -0.63 -20.48
N ASP A 257 0.46 -0.03 -19.48
CA ASP A 257 0.50 1.43 -19.34
C ASP A 257 1.91 1.93 -19.11
N SER A 258 2.72 1.16 -18.36
CA SER A 258 4.11 1.51 -18.17
C SER A 258 4.99 1.08 -19.34
N GLN A 259 4.48 0.21 -20.22
CA GLN A 259 5.21 -0.20 -21.41
C GLN A 259 4.95 0.71 -22.60
N ASN A 260 3.79 1.37 -22.63
CA ASN A 260 3.47 2.31 -23.71
C ASN A 260 4.37 3.54 -23.65
N ALA A 269 12.34 0.11 -18.90
CA ALA A 269 11.12 -0.10 -19.68
C ALA A 269 10.86 -1.60 -19.88
N LEU A 270 9.60 -1.99 -19.72
CA LEU A 270 9.21 -3.39 -19.87
C LEU A 270 9.30 -3.80 -21.33
N SER A 271 9.19 -5.12 -21.55
CA SER A 271 9.25 -5.67 -22.90
C SER A 271 8.19 -6.77 -23.03
N ASP A 272 8.05 -7.28 -24.25
CA ASP A 272 7.02 -8.27 -24.57
C ASP A 272 7.37 -9.67 -24.12
N LEU A 273 8.43 -9.84 -23.32
CA LEU A 273 8.73 -11.13 -22.71
C LEU A 273 8.97 -11.05 -21.21
N GLU A 274 9.41 -9.90 -20.68
CA GLU A 274 9.28 -9.67 -19.25
C GLU A 274 7.82 -9.55 -18.84
N LEU A 275 7.00 -8.96 -19.71
CA LEU A 275 5.56 -8.92 -19.48
C LEU A 275 4.98 -10.33 -19.38
N VAL A 276 5.47 -11.25 -20.22
CA VAL A 276 5.02 -12.63 -20.14
C VAL A 276 5.62 -13.34 -18.93
N ALA A 277 6.84 -12.98 -18.55
CA ALA A 277 7.50 -13.63 -17.42
C ALA A 277 6.73 -13.40 -16.12
N GLN A 278 6.25 -12.17 -15.91
CA GLN A 278 5.48 -11.89 -14.70
C GLN A 278 4.11 -12.54 -14.76
N SER A 279 3.54 -12.71 -15.95
CA SER A 279 2.24 -13.35 -16.07
C SER A 279 2.32 -14.83 -15.73
N ILE A 280 3.41 -15.50 -16.14
CA ILE A 280 3.56 -16.92 -15.85
C ILE A 280 3.69 -17.14 -14.35
N ILE A 281 4.35 -16.22 -13.64
CA ILE A 281 4.48 -16.35 -12.19
C ILE A 281 3.11 -16.19 -11.52
N PHE A 282 2.36 -15.17 -11.93
CA PHE A 282 1.05 -14.92 -11.34
C PHE A 282 0.07 -16.04 -11.69
N ILE A 283 0.20 -16.65 -12.87
CA ILE A 283 -0.69 -17.72 -13.27
C ILE A 283 -0.42 -18.97 -12.44
N PHE A 284 0.85 -19.25 -12.14
CA PHE A 284 1.18 -20.44 -11.36
C PHE A 284 0.77 -20.28 -9.90
N ALA A 285 1.09 -19.14 -9.29
CA ALA A 285 0.82 -18.95 -7.88
C ALA A 285 -0.69 -18.91 -7.62
N GLY A 286 -1.44 -18.18 -8.43
CA GLY A 286 -2.88 -18.10 -8.26
C GLY A 286 -3.59 -19.42 -8.44
N TYR A 287 -2.95 -20.38 -9.13
CA TYR A 287 -3.54 -21.70 -9.36
C TYR A 287 -3.02 -22.73 -8.37
N GLU A 288 -1.70 -22.90 -8.29
CA GLU A 288 -1.14 -23.99 -7.50
C GLU A 288 -1.24 -23.71 -6.00
N THR A 289 -0.89 -22.49 -5.59
CA THR A 289 -0.89 -22.17 -4.16
C THR A 289 -2.32 -22.13 -3.61
N THR A 290 -3.24 -21.52 -4.35
CA THR A 290 -4.62 -21.41 -3.87
C THR A 290 -5.27 -22.78 -3.76
N SER A 291 -5.10 -23.63 -4.77
CA SER A 291 -5.75 -24.94 -4.75
C SER A 291 -5.14 -25.86 -3.71
N SER A 292 -3.83 -25.76 -3.47
CA SER A 292 -3.18 -26.67 -2.53
C SER A 292 -3.57 -26.35 -1.09
N VAL A 293 -3.64 -25.07 -0.74
CA VAL A 293 -3.97 -24.70 0.63
C VAL A 293 -5.45 -24.95 0.91
N LEU A 294 -6.31 -24.73 -0.08
CA LEU A 294 -7.73 -25.02 0.10
C LEU A 294 -7.98 -26.48 0.41
N SER A 295 -7.25 -27.37 -0.26
CA SER A 295 -7.40 -28.81 0.01
C SER A 295 -6.93 -29.16 1.42
N PHE A 296 -5.86 -28.50 1.89
CA PHE A 296 -5.41 -28.72 3.26
C PHE A 296 -6.43 -28.23 4.28
N ILE A 297 -7.15 -27.15 3.96
CA ILE A 297 -8.16 -26.63 4.87
C ILE A 297 -9.34 -27.59 4.98
N MET A 298 -9.86 -28.05 3.84
CA MET A 298 -11.03 -28.91 3.85
C MET A 298 -10.72 -30.27 4.50
N TYR A 299 -9.47 -30.73 4.42
CA TYR A 299 -9.09 -31.93 5.14
C TYR A 299 -9.17 -31.72 6.64
N GLU A 300 -8.73 -30.56 7.12
CA GLU A 300 -8.79 -30.28 8.55
C GLU A 300 -10.22 -30.06 9.02
N LEU A 301 -11.07 -29.47 8.17
CA LEU A 301 -12.46 -29.25 8.56
C LEU A 301 -13.24 -30.56 8.60
N ALA A 302 -12.95 -31.47 7.67
CA ALA A 302 -13.63 -32.76 7.67
C ALA A 302 -13.17 -33.63 8.83
N THR A 303 -11.88 -33.56 9.18
CA THR A 303 -11.35 -34.29 10.33
C THR A 303 -11.62 -33.60 11.66
N HIS A 304 -12.21 -32.41 11.64
CA HIS A 304 -12.60 -31.69 12.85
C HIS A 304 -14.01 -31.14 12.62
N PRO A 305 -15.03 -31.96 12.79
CA PRO A 305 -16.40 -31.50 12.52
C PRO A 305 -16.84 -30.35 13.40
N ASP A 306 -16.31 -30.25 14.63
CA ASP A 306 -16.67 -29.14 15.49
C ASP A 306 -16.14 -27.81 14.94
N VAL A 307 -14.94 -27.83 14.37
CA VAL A 307 -14.39 -26.62 13.78
C VAL A 307 -15.18 -26.21 12.53
N GLN A 308 -15.57 -27.20 11.71
CA GLN A 308 -16.34 -26.90 10.51
C GLN A 308 -17.72 -26.35 10.86
N GLN A 309 -18.38 -26.94 11.87
CA GLN A 309 -19.67 -26.43 12.29
C GLN A 309 -19.56 -25.02 12.85
N LYS A 310 -18.53 -24.76 13.67
CA LYS A 310 -18.34 -23.44 14.25
C LYS A 310 -18.07 -22.41 13.17
N LEU A 311 -17.33 -22.78 12.12
CA LEU A 311 -17.09 -21.87 11.02
C LEU A 311 -18.36 -21.67 10.19
N GLN A 312 -19.16 -22.74 10.01
CA GLN A 312 -20.42 -22.61 9.29
C GLN A 312 -21.42 -21.76 10.07
N GLU A 313 -21.36 -21.78 11.40
CA GLU A 313 -22.25 -20.95 12.19
C GLU A 313 -21.87 -19.48 12.11
N GLU A 314 -20.59 -19.18 11.88
CA GLU A 314 -20.16 -17.79 11.75
C GLU A 314 -20.50 -17.22 10.38
N ILE A 315 -20.35 -18.02 9.32
CA ILE A 315 -20.66 -17.54 7.97
C ILE A 315 -22.14 -17.21 7.87
N ASP A 316 -23.00 -18.08 8.40
CA ASP A 316 -24.44 -17.83 8.36
C ASP A 316 -24.85 -16.67 9.26
N ALA A 317 -24.04 -16.35 10.27
CA ALA A 317 -24.34 -15.20 11.12
C ALA A 317 -23.94 -13.88 10.44
N VAL A 318 -22.84 -13.89 9.68
CA VAL A 318 -22.42 -12.70 8.97
C VAL A 318 -23.17 -12.58 7.63
N LEU A 319 -23.43 -13.71 6.98
CA LEU A 319 -24.14 -13.75 5.70
C LEU A 319 -25.38 -14.63 5.85
N PRO A 320 -26.46 -14.08 6.40
CA PRO A 320 -27.69 -14.86 6.52
C PRO A 320 -28.37 -15.06 5.17
N ASN A 321 -29.18 -16.11 5.10
CA ASN A 321 -29.90 -16.48 3.88
C ASN A 321 -28.94 -16.72 2.72
N LYS A 322 -27.75 -17.24 3.01
CA LYS A 322 -26.70 -17.47 2.03
C LYS A 322 -26.39 -16.19 1.25
N ALA A 323 -26.15 -15.11 2.00
CA ALA A 323 -25.90 -13.82 1.39
C ALA A 323 -24.59 -13.84 0.60
N PRO A 324 -24.53 -13.11 -0.51
CA PRO A 324 -23.30 -13.06 -1.30
C PRO A 324 -22.17 -12.42 -0.51
N PRO A 325 -20.98 -13.02 -0.52
CA PRO A 325 -19.86 -12.45 0.23
C PRO A 325 -19.31 -11.20 -0.44
N THR A 326 -19.03 -10.19 0.38
CA THR A 326 -18.47 -8.93 -0.08
C THR A 326 -17.08 -8.74 0.53
N TYR A 327 -16.42 -7.66 0.13
CA TYR A 327 -15.05 -7.41 0.61
C TYR A 327 -15.02 -7.18 2.11
N ASP A 328 -16.00 -6.45 2.65
CA ASP A 328 -15.99 -6.12 4.07
C ASP A 328 -16.49 -7.28 4.91
N THR A 329 -17.47 -8.06 4.41
CA THR A 329 -17.97 -9.20 5.16
C THR A 329 -16.94 -10.32 5.29
N VAL A 330 -15.98 -10.39 4.37
CA VAL A 330 -14.93 -11.40 4.47
C VAL A 330 -13.98 -11.06 5.61
N LEU A 331 -13.55 -9.80 5.69
CA LEU A 331 -12.61 -9.38 6.73
C LEU A 331 -13.25 -9.37 8.11
N GLN A 332 -14.58 -9.38 8.19
CA GLN A 332 -15.24 -9.38 9.49
C GLN A 332 -15.22 -10.76 10.15
N MET A 333 -15.23 -11.83 9.35
CA MET A 333 -15.24 -13.19 9.88
C MET A 333 -13.93 -13.46 10.60
N GLU A 334 -13.99 -13.60 11.92
CA GLU A 334 -12.79 -13.81 12.72
C GLU A 334 -12.37 -15.27 12.75
N TYR A 335 -13.32 -16.18 12.92
CA TYR A 335 -12.99 -17.60 12.99
C TYR A 335 -12.51 -18.12 11.64
N LEU A 336 -12.99 -17.54 10.55
CA LEU A 336 -12.51 -17.94 9.22
C LEU A 336 -11.04 -17.60 9.06
N ASP A 337 -10.61 -16.44 9.57
CA ASP A 337 -9.21 -16.08 9.51
C ASP A 337 -8.36 -16.99 10.38
N MET A 338 -8.90 -17.44 11.52
CA MET A 338 -8.17 -18.36 12.39
C MET A 338 -8.01 -19.73 11.75
N VAL A 339 -9.02 -20.17 11.00
CA VAL A 339 -8.94 -21.46 10.32
C VAL A 339 -7.89 -21.42 9.21
N VAL A 340 -7.88 -20.35 8.42
CA VAL A 340 -6.90 -20.24 7.34
C VAL A 340 -5.50 -20.07 7.91
N ASN A 341 -5.37 -19.35 9.03
CA ASN A 341 -4.04 -19.13 9.60
C ASN A 341 -3.49 -20.40 10.24
N GLU A 342 -4.34 -21.18 10.91
CA GLU A 342 -3.86 -22.41 11.55
C GLU A 342 -3.47 -23.46 10.52
N THR A 343 -4.21 -23.54 9.41
CA THR A 343 -3.83 -24.46 8.35
C THR A 343 -2.50 -24.07 7.72
N LEU A 344 -2.27 -22.75 7.53
CA LEU A 344 -1.00 -22.31 7.01
C LEU A 344 0.14 -22.58 7.98
N ARG A 345 -0.17 -22.67 9.28
CA ARG A 345 0.84 -23.05 10.25
C ARG A 345 1.26 -24.50 10.08
N LEU A 346 0.29 -25.41 9.98
CA LEU A 346 0.61 -26.82 9.81
C LEU A 346 1.16 -27.13 8.43
N PHE A 347 0.79 -26.33 7.42
CA PHE A 347 1.19 -26.58 6.04
C PHE A 347 1.65 -25.28 5.39
N PRO A 348 2.84 -24.79 5.75
CA PRO A 348 3.42 -23.67 4.99
C PRO A 348 3.99 -24.15 3.67
N ILE A 349 3.25 -23.91 2.58
CA ILE A 349 3.64 -24.45 1.28
C ILE A 349 5.01 -23.97 0.83
N ALA A 350 5.48 -22.84 1.38
CA ALA A 350 6.80 -22.38 1.06
C ALA A 350 7.87 -23.28 1.73
N MET A 351 7.57 -23.79 2.94
CA MET A 351 8.40 -24.72 3.66
C MET A 351 9.63 -23.96 4.23
N ARG A 352 10.38 -23.27 3.38
CA ARG A 352 11.58 -22.56 3.79
C ARG A 352 11.59 -21.16 3.22
N LEU A 353 12.38 -20.30 3.87
CA LEU A 353 12.66 -18.95 3.38
C LEU A 353 14.18 -18.80 3.27
N GLU A 354 14.66 -18.35 2.11
CA GLU A 354 16.08 -18.28 1.84
C GLU A 354 16.47 -16.89 1.35
N ARG A 355 17.65 -16.45 1.77
CA ARG A 355 18.24 -15.18 1.34
C ARG A 355 19.73 -15.38 1.14
N VAL A 356 20.27 -14.77 0.08
CA VAL A 356 21.69 -14.85 -0.21
C VAL A 356 22.40 -13.68 0.46
N CYS A 357 23.34 -13.99 1.35
CA CYS A 357 24.16 -12.98 2.02
C CYS A 357 25.17 -12.44 1.02
N LYS A 358 24.89 -11.25 0.47
CA LYS A 358 25.72 -10.71 -0.62
C LYS A 358 27.05 -10.16 -0.14
N LYS A 359 27.22 -9.94 1.16
CA LYS A 359 28.48 -9.43 1.68
C LYS A 359 28.60 -9.78 3.16
N ASP A 360 29.85 -9.84 3.63
CA ASP A 360 30.11 -10.23 5.01
C ASP A 360 29.43 -9.28 5.99
N VAL A 361 28.73 -9.85 6.97
CA VAL A 361 28.01 -9.08 7.99
C VAL A 361 28.13 -9.79 9.33
N GLU A 362 27.77 -9.06 10.38
CA GLU A 362 27.71 -9.59 11.75
C GLU A 362 26.38 -9.16 12.34
N ILE A 363 25.36 -10.02 12.22
CA ILE A 363 24.01 -9.71 12.67
C ILE A 363 23.77 -10.39 14.01
N ASN A 364 23.27 -9.62 14.98
CA ASN A 364 22.94 -10.13 16.31
C ASN A 364 24.13 -10.86 16.94
N GLY A 365 25.33 -10.35 16.67
CA GLY A 365 26.53 -10.95 17.22
C GLY A 365 26.94 -12.27 16.59
N MET A 366 26.78 -12.40 15.28
CA MET A 366 27.16 -13.63 14.58
C MET A 366 27.62 -13.28 13.18
N PHE A 367 28.84 -13.69 12.84
CA PHE A 367 29.40 -13.41 11.52
C PHE A 367 28.83 -14.37 10.48
N ILE A 368 28.58 -13.84 9.28
CA ILE A 368 28.08 -14.64 8.16
C ILE A 368 28.90 -14.29 6.93
N PRO A 369 29.55 -15.26 6.30
CA PRO A 369 30.40 -14.94 5.14
C PRO A 369 29.57 -14.61 3.90
N LYS A 370 30.24 -14.01 2.92
CA LYS A 370 29.61 -13.68 1.66
C LYS A 370 29.35 -14.96 0.86
N GLY A 371 28.16 -15.08 0.30
CA GLY A 371 27.77 -16.24 -0.47
C GLY A 371 26.96 -17.27 0.29
N VAL A 372 26.89 -17.16 1.61
CA VAL A 372 26.12 -18.10 2.42
C VAL A 372 24.64 -17.81 2.26
N VAL A 373 23.86 -18.85 2.03
CA VAL A 373 22.40 -18.73 1.90
C VAL A 373 21.80 -18.91 3.30
N VAL A 374 21.25 -17.83 3.84
CA VAL A 374 20.58 -17.88 5.14
C VAL A 374 19.18 -18.45 4.95
N MET A 375 18.86 -19.50 5.71
CA MET A 375 17.60 -20.21 5.57
C MET A 375 16.81 -20.12 6.86
N ILE A 376 15.51 -19.87 6.73
CA ILE A 376 14.59 -19.82 7.86
C ILE A 376 13.65 -21.02 7.75
N PRO A 377 13.81 -22.05 8.59
CA PRO A 377 12.93 -23.22 8.49
C PRO A 377 11.50 -22.90 8.91
N SER A 378 10.70 -22.40 7.97
CA SER A 378 9.34 -21.99 8.29
C SER A 378 8.50 -23.16 8.78
N TYR A 379 8.66 -24.33 8.15
CA TYR A 379 7.90 -25.50 8.58
C TYR A 379 8.30 -25.92 10.00
N ALA A 380 9.60 -25.89 10.30
CA ALA A 380 10.06 -26.31 11.61
C ALA A 380 9.66 -25.32 12.69
N LEU A 381 9.73 -24.02 12.40
CA LEU A 381 9.38 -23.01 13.39
C LEU A 381 7.89 -23.05 13.71
N HIS A 382 7.05 -23.33 12.70
CA HIS A 382 5.61 -23.41 12.93
C HIS A 382 5.23 -24.57 13.84
N ARG A 383 6.05 -25.62 13.91
CA ARG A 383 5.78 -26.77 14.74
C ARG A 383 6.75 -26.88 15.91
N ASP A 384 7.41 -25.79 16.28
CA ASP A 384 8.35 -25.80 17.39
C ASP A 384 7.59 -25.98 18.70
N PRO A 385 7.86 -27.04 19.47
CA PRO A 385 7.17 -27.23 20.76
C PRO A 385 7.49 -26.15 21.79
N LYS A 386 8.41 -25.24 21.50
CA LYS A 386 8.74 -24.15 22.42
C LYS A 386 7.94 -22.89 22.15
N TYR A 387 7.23 -22.82 21.01
CA TYR A 387 6.39 -21.67 20.68
C TYR A 387 4.91 -22.01 20.63
N TRP A 388 4.54 -23.28 20.45
CA TRP A 388 3.16 -23.68 20.28
C TRP A 388 2.87 -24.88 21.19
N THR A 389 1.71 -24.84 21.84
CA THR A 389 1.27 -25.96 22.68
C THR A 389 0.60 -27.01 21.80
N GLU A 390 1.11 -28.24 21.86
CA GLU A 390 0.63 -29.33 21.00
C GLU A 390 0.73 -28.90 19.54
N PRO A 391 1.94 -28.81 18.97
CA PRO A 391 2.07 -28.24 17.63
C PRO A 391 1.44 -29.08 16.54
N GLU A 392 1.46 -30.41 16.67
CA GLU A 392 0.88 -31.26 15.63
C GLU A 392 -0.63 -31.21 15.60
N LYS A 393 -1.27 -30.77 16.68
CA LYS A 393 -2.72 -30.73 16.74
C LYS A 393 -3.26 -29.49 16.04
N PHE A 394 -4.44 -29.64 15.43
CA PHE A 394 -5.10 -28.58 14.71
C PHE A 394 -6.03 -27.84 15.67
N LEU A 395 -5.58 -26.66 16.12
CA LEU A 395 -6.32 -25.86 17.09
C LEU A 395 -6.43 -24.43 16.57
N PRO A 396 -7.52 -24.09 15.88
CA PRO A 396 -7.70 -22.71 15.41
C PRO A 396 -7.62 -21.66 16.52
N GLU A 397 -7.84 -22.04 17.78
CA GLU A 397 -7.86 -21.08 18.87
C GLU A 397 -6.50 -20.45 19.15
N ARG A 398 -5.43 -20.93 18.51
CA ARG A 398 -4.14 -20.27 18.66
C ARG A 398 -4.18 -18.84 18.14
N PHE A 399 -4.97 -18.59 17.10
CA PHE A 399 -5.02 -17.30 16.44
C PHE A 399 -6.21 -16.46 16.87
N SER A 400 -6.86 -16.81 17.99
CA SER A 400 -7.91 -15.96 18.53
C SER A 400 -7.32 -14.66 19.07
N LYS A 401 -8.12 -13.60 19.03
CA LYS A 401 -7.65 -12.31 19.53
C LYS A 401 -7.32 -12.35 21.02
N LYS A 402 -7.79 -13.38 21.73
CA LYS A 402 -7.36 -13.61 23.10
C LYS A 402 -5.96 -14.18 23.17
N ASN A 403 -5.56 -14.99 22.19
CA ASN A 403 -4.27 -15.67 22.21
C ASN A 403 -3.32 -15.23 21.10
N LYS A 404 -3.76 -14.42 20.15
CA LYS A 404 -2.88 -14.01 19.05
C LYS A 404 -1.76 -13.09 19.50
N ASP A 405 -1.84 -12.53 20.71
CA ASP A 405 -0.79 -11.66 21.20
C ASP A 405 0.50 -12.42 21.43
N ASN A 406 0.42 -13.71 21.76
CA ASN A 406 1.57 -14.55 22.03
C ASN A 406 2.13 -15.21 20.78
N ILE A 407 2.00 -14.56 19.63
CA ILE A 407 2.43 -15.13 18.35
C ILE A 407 3.48 -14.19 17.76
N ASP A 408 4.71 -14.68 17.65
CA ASP A 408 5.79 -13.88 17.09
C ASP A 408 5.65 -13.80 15.58
N PRO A 409 5.63 -12.59 14.99
CA PRO A 409 5.48 -12.49 13.53
C PRO A 409 6.68 -12.99 12.75
N TYR A 410 7.77 -13.35 13.41
CA TYR A 410 8.94 -13.90 12.73
C TYR A 410 9.13 -15.39 13.01
N ILE A 411 8.27 -15.98 13.82
CA ILE A 411 8.21 -17.44 13.94
C ILE A 411 7.14 -18.01 13.03
N TYR A 412 6.01 -17.32 12.89
CA TYR A 412 4.92 -17.71 12.00
C TYR A 412 4.98 -16.81 10.77
N THR A 413 5.66 -17.29 9.72
CA THR A 413 5.85 -16.54 8.48
C THR A 413 5.39 -17.39 7.30
N PRO A 414 4.07 -17.52 7.11
CA PRO A 414 3.57 -18.33 5.98
C PRO A 414 3.70 -17.61 4.65
N PHE A 415 3.71 -16.28 4.68
CA PHE A 415 3.87 -15.47 3.48
C PHE A 415 5.20 -14.73 3.45
N GLY A 416 6.14 -15.10 4.30
CA GLY A 416 7.40 -14.40 4.39
C GLY A 416 7.26 -13.11 5.18
N SER A 417 8.31 -12.28 5.08
CA SER A 417 8.32 -11.01 5.78
C SER A 417 9.28 -10.06 5.09
N GLY A 418 9.14 -8.78 5.39
CA GLY A 418 10.01 -7.78 4.84
C GLY A 418 9.58 -7.31 3.46
N PRO A 419 10.47 -6.58 2.77
CA PRO A 419 10.12 -6.04 1.45
C PRO A 419 9.95 -7.09 0.38
N ARG A 420 10.30 -8.35 0.64
CA ARG A 420 10.19 -9.42 -0.35
C ARG A 420 9.34 -10.57 0.18
N ASN A 421 8.25 -10.23 0.86
CA ASN A 421 7.29 -11.24 1.29
C ASN A 421 6.38 -11.59 0.12
N CYS A 422 5.32 -12.36 0.39
CA CYS A 422 4.39 -12.73 -0.67
C CYS A 422 3.65 -11.49 -1.16
N ILE A 423 3.83 -11.16 -2.44
CA ILE A 423 3.16 -9.98 -3.00
C ILE A 423 1.68 -10.22 -3.20
N GLY A 424 1.25 -11.48 -3.25
CA GLY A 424 -0.15 -11.80 -3.42
C GLY A 424 -0.79 -12.34 -2.16
N MET A 425 -0.25 -11.92 -1.00
CA MET A 425 -0.77 -12.40 0.27
C MET A 425 -2.22 -11.99 0.47
N ARG A 426 -2.50 -10.69 0.44
CA ARG A 426 -3.86 -10.21 0.63
CA ARG A 426 -3.86 -10.20 0.63
C ARG A 426 -4.79 -10.73 -0.46
N PHE A 427 -4.28 -10.95 -1.66
CA PHE A 427 -5.10 -11.48 -2.74
C PHE A 427 -5.42 -12.96 -2.51
N ALA A 428 -4.39 -13.77 -2.20
CA ALA A 428 -4.62 -15.19 -1.95
C ALA A 428 -5.46 -15.41 -0.70
N LEU A 429 -5.29 -14.56 0.32
CA LEU A 429 -6.13 -14.68 1.50
C LEU A 429 -7.58 -14.39 1.19
N MET A 430 -7.84 -13.42 0.31
CA MET A 430 -9.22 -13.10 -0.04
C MET A 430 -9.81 -14.15 -0.99
N ASN A 431 -9.00 -14.66 -1.92
CA ASN A 431 -9.51 -15.65 -2.87
C ASN A 431 -9.86 -16.95 -2.17
N MET A 432 -9.03 -17.39 -1.22
CA MET A 432 -9.34 -18.61 -0.48
C MET A 432 -10.53 -18.41 0.44
N LYS A 433 -10.62 -17.26 1.10
CA LYS A 433 -11.75 -17.00 1.98
C LYS A 433 -13.05 -16.87 1.18
N LEU A 434 -13.00 -16.23 0.01
CA LEU A 434 -14.19 -16.13 -0.83
C LEU A 434 -14.66 -17.51 -1.29
N ALA A 435 -13.72 -18.43 -1.54
CA ALA A 435 -14.10 -19.77 -1.95
C ALA A 435 -14.65 -20.59 -0.80
N LEU A 436 -14.02 -20.49 0.39
CA LEU A 436 -14.49 -21.27 1.53
C LEU A 436 -15.88 -20.85 1.97
N ILE A 437 -16.22 -19.56 1.83
CA ILE A 437 -17.52 -19.08 2.24
C ILE A 437 -18.61 -19.68 1.36
N ARG A 438 -18.49 -19.50 0.05
CA ARG A 438 -19.52 -19.98 -0.88
C ARG A 438 -19.60 -21.50 -0.92
N VAL A 439 -18.59 -22.20 -0.43
CA VAL A 439 -18.61 -23.66 -0.38
C VAL A 439 -19.29 -24.16 0.89
N LEU A 440 -18.87 -23.67 2.05
CA LEU A 440 -19.47 -24.09 3.31
C LEU A 440 -20.89 -23.56 3.47
N GLN A 441 -21.29 -22.57 2.68
CA GLN A 441 -22.67 -22.09 2.72
C GLN A 441 -23.64 -23.15 2.23
N ASN A 442 -23.19 -24.05 1.36
CA ASN A 442 -24.07 -25.03 0.73
C ASN A 442 -23.69 -26.48 1.00
N PHE A 443 -22.48 -26.76 1.51
CA PHE A 443 -22.03 -28.13 1.65
C PHE A 443 -21.30 -28.32 2.97
N SER A 444 -21.31 -29.57 3.44
CA SER A 444 -20.46 -30.03 4.53
C SER A 444 -19.64 -31.22 4.04
N PHE A 445 -18.48 -31.41 4.67
CA PHE A 445 -17.49 -32.36 4.17
C PHE A 445 -17.23 -33.44 5.20
N LYS A 446 -17.20 -34.69 4.76
CA LYS A 446 -16.97 -35.85 5.60
C LYS A 446 -15.88 -36.72 4.99
N PRO A 447 -15.14 -37.47 5.82
CA PRO A 447 -14.14 -38.40 5.28
C PRO A 447 -14.80 -39.51 4.46
N CYS A 448 -13.96 -40.24 3.72
CA CYS A 448 -14.43 -41.25 2.78
C CYS A 448 -13.80 -42.63 3.01
N LYS A 449 -13.06 -42.81 4.11
CA LYS A 449 -12.31 -44.04 4.36
C LYS A 449 -11.17 -44.16 3.37
N GLU A 450 -11.48 -44.05 2.07
CA GLU A 450 -10.42 -43.87 1.07
C GLU A 450 -9.66 -42.57 1.27
N THR A 451 -10.17 -41.66 2.10
CA THR A 451 -9.42 -40.48 2.50
C THR A 451 -8.25 -40.89 3.40
N GLN A 452 -7.07 -40.39 3.08
CA GLN A 452 -5.87 -40.74 3.85
C GLN A 452 -5.92 -40.04 5.20
N ILE A 453 -6.14 -40.82 6.26
CA ILE A 453 -6.19 -40.30 7.63
C ILE A 453 -5.26 -41.15 8.48
N PRO A 454 -4.18 -40.58 9.05
CA PRO A 454 -3.78 -39.17 8.89
C PRO A 454 -3.17 -38.87 7.54
N LEU A 455 -3.01 -37.59 7.23
CA LEU A 455 -2.50 -37.16 5.92
C LEU A 455 -0.98 -37.25 5.91
N LYS A 456 -0.45 -37.99 4.94
CA LYS A 456 1.00 -38.07 4.73
C LYS A 456 1.43 -36.99 3.76
N LEU A 457 2.43 -36.20 4.16
CA LEU A 457 2.97 -35.18 3.29
C LEU A 457 3.92 -35.82 2.28
N SER A 458 4.07 -35.14 1.13
CA SER A 458 4.95 -35.65 0.08
C SER A 458 6.40 -35.64 0.56
N LEU A 459 6.99 -36.83 0.67
CA LEU A 459 8.40 -36.94 1.06
C LEU A 459 9.35 -36.43 -0.02
N GLY A 460 8.84 -35.94 -1.15
CA GLY A 460 9.67 -35.42 -2.20
C GLY A 460 10.03 -33.95 -2.01
N GLY A 461 9.86 -33.16 -3.06
CA GLY A 461 10.26 -31.76 -3.01
C GLY A 461 9.25 -30.83 -2.39
N LEU A 462 8.24 -30.43 -3.16
CA LEU A 462 7.27 -29.44 -2.71
C LEU A 462 6.30 -30.04 -1.71
N LEU A 463 5.60 -29.16 -0.99
CA LEU A 463 4.70 -29.56 0.08
C LEU A 463 3.35 -29.94 -0.52
N GLN A 464 3.09 -31.23 -0.59
CA GLN A 464 1.82 -31.75 -1.07
C GLN A 464 1.52 -33.04 -0.31
N PRO A 465 0.28 -33.51 -0.33
CA PRO A 465 -0.03 -34.82 0.24
C PRO A 465 0.43 -35.94 -0.68
N GLU A 466 0.68 -37.10 -0.09
CA GLU A 466 0.99 -38.29 -0.86
C GLU A 466 -0.20 -38.67 -1.73
N LYS A 467 -1.25 -39.18 -1.11
CA LYS A 467 -2.51 -39.44 -1.80
C LYS A 467 -3.35 -38.17 -1.85
N PRO A 468 -3.98 -37.88 -2.98
CA PRO A 468 -4.80 -36.67 -3.08
C PRO A 468 -5.94 -36.67 -2.07
N VAL A 469 -6.35 -35.47 -1.66
CA VAL A 469 -7.38 -35.32 -0.65
C VAL A 469 -8.74 -35.59 -1.28
N VAL A 470 -9.41 -36.64 -0.81
CA VAL A 470 -10.75 -36.99 -1.24
C VAL A 470 -11.68 -36.93 -0.05
N LEU A 471 -12.88 -36.38 -0.26
CA LEU A 471 -13.85 -36.22 0.82
C LEU A 471 -15.25 -36.42 0.27
N LYS A 472 -16.18 -36.72 1.17
CA LYS A 472 -17.59 -36.85 0.81
C LYS A 472 -18.28 -35.51 1.01
N VAL A 473 -19.01 -35.08 -0.01
CA VAL A 473 -19.69 -33.78 -0.02
C VAL A 473 -21.17 -34.02 0.17
N GLU A 474 -21.76 -33.38 1.17
CA GLU A 474 -23.18 -33.48 1.47
C GLU A 474 -23.81 -32.09 1.39
N SER A 475 -24.97 -32.01 0.73
CA SER A 475 -25.66 -30.74 0.59
C SER A 475 -26.49 -30.46 1.84
N ARG A 476 -26.68 -29.17 2.13
CA ARG A 476 -27.42 -28.75 3.30
C ARG A 476 -28.86 -28.36 2.95
N SER B 9 -35.38 27.72 -1.40
CA SER B 9 -34.22 26.91 -1.76
C SER B 9 -33.67 26.16 -0.56
N HIS B 10 -34.17 26.49 0.64
CA HIS B 10 -33.76 25.86 1.88
C HIS B 10 -34.60 24.65 2.23
N GLY B 11 -35.49 24.22 1.35
CA GLY B 11 -36.29 23.03 1.60
C GLY B 11 -35.86 21.87 0.73
N LEU B 12 -34.64 21.94 0.19
CA LEU B 12 -34.15 20.89 -0.70
C LEU B 12 -33.85 19.61 0.09
N PHE B 13 -33.11 19.73 1.20
CA PHE B 13 -32.80 18.56 2.01
C PHE B 13 -34.02 18.04 2.76
N LYS B 14 -35.01 18.89 3.01
CA LYS B 14 -36.28 18.41 3.55
C LYS B 14 -37.06 17.62 2.50
N LYS B 15 -36.92 18.01 1.23
CA LYS B 15 -37.59 17.29 0.15
C LYS B 15 -36.98 15.90 -0.05
N LEU B 16 -35.66 15.83 -0.15
CA LEU B 16 -34.97 14.57 -0.40
C LEU B 16 -34.94 13.66 0.82
N GLY B 17 -35.53 14.05 1.94
CA GLY B 17 -35.52 13.21 3.13
C GLY B 17 -34.17 13.04 3.76
N ILE B 18 -33.22 13.92 3.48
CA ILE B 18 -31.87 13.85 4.02
C ILE B 18 -31.82 14.73 5.28
N PRO B 19 -31.37 14.20 6.42
CA PRO B 19 -31.36 15.01 7.64
C PRO B 19 -30.28 16.08 7.58
N GLY B 20 -30.40 17.03 8.52
CA GLY B 20 -29.46 18.12 8.62
C GLY B 20 -29.92 19.19 9.59
N PRO B 21 -29.01 20.06 9.99
CA PRO B 21 -29.39 21.14 10.93
C PRO B 21 -30.31 22.15 10.27
N THR B 22 -31.24 22.67 11.05
CA THR B 22 -32.22 23.61 10.53
C THR B 22 -31.54 24.90 10.10
N PRO B 23 -31.68 25.32 8.85
CA PRO B 23 -31.00 26.53 8.39
C PRO B 23 -31.77 27.81 8.67
N LEU B 24 -31.03 28.87 8.95
CA LEU B 24 -31.62 30.19 9.09
C LEU B 24 -31.73 30.85 7.72
N PRO B 25 -32.70 31.74 7.52
CA PRO B 25 -32.83 32.42 6.23
C PRO B 25 -31.57 33.19 5.86
N PHE B 26 -31.25 33.18 4.56
CA PHE B 26 -30.09 33.86 4.00
C PHE B 26 -28.80 33.21 4.51
N LEU B 27 -28.60 33.20 5.83
CA LEU B 27 -27.38 32.63 6.39
C LEU B 27 -27.25 31.13 6.16
N GLY B 28 -28.33 30.38 6.36
CA GLY B 28 -28.26 28.94 6.29
C GLY B 28 -27.74 28.33 7.58
N ASN B 29 -26.58 27.68 7.50
CA ASN B 29 -25.95 27.09 8.68
C ASN B 29 -24.58 27.69 8.96
N ILE B 30 -24.29 28.87 8.39
CA ILE B 30 -22.96 29.45 8.51
C ILE B 30 -22.68 29.94 9.93
N LEU B 31 -23.71 30.14 10.75
CA LEU B 31 -23.48 30.54 12.13
C LEU B 31 -22.94 29.39 12.97
N SER B 32 -23.06 28.15 12.50
CA SER B 32 -22.48 27.02 13.19
C SER B 32 -20.97 26.90 12.97
N TYR B 33 -20.41 27.68 12.05
CA TYR B 33 -18.98 27.74 11.80
C TYR B 33 -18.20 28.48 12.90
N HIS B 34 -18.86 28.88 13.99
CA HIS B 34 -18.16 29.58 15.06
C HIS B 34 -17.08 28.72 15.70
N LYS B 35 -17.21 27.39 15.62
CA LYS B 35 -16.18 26.47 16.08
C LYS B 35 -15.28 25.99 14.96
N GLY B 36 -15.57 26.38 13.72
CA GLY B 36 -14.75 26.00 12.57
C GLY B 36 -15.41 24.92 11.73
N PHE B 37 -14.79 24.66 10.57
CA PHE B 37 -15.27 23.59 9.70
C PHE B 37 -15.16 22.24 10.37
N CYS B 38 -14.04 21.99 11.06
CA CYS B 38 -13.75 20.66 11.58
C CYS B 38 -14.73 20.27 12.69
N MET B 39 -14.91 21.15 13.68
CA MET B 39 -15.81 20.84 14.78
C MET B 39 -17.27 20.77 14.34
N PHE B 40 -17.62 21.50 13.28
CA PHE B 40 -18.98 21.45 12.78
C PHE B 40 -19.27 20.15 12.05
N ASP B 41 -18.27 19.61 11.34
CA ASP B 41 -18.46 18.36 10.62
C ASP B 41 -18.50 17.17 11.58
N MET B 42 -17.73 17.22 12.67
CA MET B 42 -17.73 16.10 13.61
C MET B 42 -19.02 16.04 14.41
N GLU B 43 -19.59 17.20 14.75
CA GLU B 43 -20.88 17.21 15.43
C GLU B 43 -21.98 16.67 14.53
N CYS B 44 -22.01 17.12 13.27
CA CYS B 44 -23.00 16.62 12.33
C CYS B 44 -22.76 15.16 11.96
N HIS B 45 -21.53 14.66 12.09
CA HIS B 45 -21.26 13.26 11.78
C HIS B 45 -21.85 12.33 12.83
N LYS B 46 -21.89 12.82 14.06
CA LYS B 46 -22.50 12.02 15.12
C LYS B 46 -24.01 12.19 15.19
N LYS B 47 -24.53 13.37 14.85
CA LYS B 47 -25.96 13.64 15.00
C LYS B 47 -26.77 12.96 13.91
N TYR B 48 -26.34 13.07 12.65
CA TYR B 48 -27.16 12.67 11.51
C TYR B 48 -26.68 11.40 10.82
N GLY B 49 -25.59 10.80 11.27
CA GLY B 49 -25.18 9.50 10.78
C GLY B 49 -24.13 9.62 9.68
N LYS B 50 -24.40 8.96 8.55
CA LYS B 50 -23.41 8.84 7.47
C LYS B 50 -23.55 9.91 6.39
N VAL B 51 -24.75 10.46 6.19
CA VAL B 51 -25.01 11.43 5.13
C VAL B 51 -25.94 12.50 5.67
N TRP B 52 -25.53 13.76 5.55
CA TRP B 52 -26.34 14.87 6.00
C TRP B 52 -26.12 16.05 5.07
N GLY B 53 -27.02 16.98 5.21
CA GLY B 53 -26.94 18.14 4.34
C GLY B 53 -27.19 19.45 5.07
N PHE B 54 -26.40 20.47 4.74
CA PHE B 54 -26.55 21.80 5.33
C PHE B 54 -26.45 22.83 4.22
N TYR B 55 -26.55 24.11 4.60
CA TYR B 55 -26.60 25.21 3.65
C TYR B 55 -25.51 26.22 3.95
N ASP B 56 -24.73 26.57 2.93
CA ASP B 56 -23.74 27.65 3.02
C ASP B 56 -24.37 28.88 2.37
N GLY B 57 -25.26 29.53 3.12
CA GLY B 57 -26.04 30.63 2.57
C GLY B 57 -27.26 30.11 1.84
N GLN B 58 -27.23 30.18 0.52
CA GLN B 58 -28.25 29.57 -0.32
C GLN B 58 -27.72 28.34 -1.06
N GLN B 59 -26.52 27.89 -0.73
CA GLN B 59 -25.88 26.78 -1.43
C GLN B 59 -26.10 25.50 -0.64
N PRO B 60 -26.88 24.55 -1.14
CA PRO B 60 -27.03 23.26 -0.44
C PRO B 60 -25.77 22.43 -0.57
N VAL B 61 -25.32 21.88 0.55
CA VAL B 61 -24.09 21.08 0.62
C VAL B 61 -24.45 19.71 1.19
N LEU B 62 -24.25 18.66 0.40
CA LEU B 62 -24.52 17.29 0.82
C LEU B 62 -23.21 16.64 1.25
N ALA B 63 -23.13 16.26 2.53
CA ALA B 63 -21.96 15.60 3.07
C ALA B 63 -22.12 14.09 2.99
N ILE B 64 -21.12 13.42 2.45
CA ILE B 64 -21.13 11.96 2.30
C ILE B 64 -19.97 11.38 3.07
N THR B 65 -20.19 10.19 3.64
CA THR B 65 -19.14 9.48 4.38
C THR B 65 -18.98 8.03 3.93
N ASP B 66 -19.83 7.54 3.03
CA ASP B 66 -19.74 6.16 2.57
C ASP B 66 -18.57 6.03 1.59
N PRO B 67 -17.63 5.10 1.83
CA PRO B 67 -16.47 5.00 0.93
C PRO B 67 -16.84 4.67 -0.50
N ASP B 68 -17.86 3.83 -0.72
CA ASP B 68 -18.29 3.52 -2.07
C ASP B 68 -18.87 4.75 -2.77
N MET B 69 -19.66 5.55 -2.04
CA MET B 69 -20.19 6.77 -2.62
C MET B 69 -19.11 7.82 -2.78
N ILE B 70 -18.13 7.87 -1.86
CA ILE B 70 -16.99 8.74 -2.05
C ILE B 70 -16.18 8.33 -3.28
N LYS B 71 -16.06 7.02 -3.51
CA LYS B 71 -15.36 6.53 -4.69
C LYS B 71 -16.09 6.94 -5.97
N THR B 72 -17.43 6.90 -5.95
CA THR B 72 -18.20 7.25 -7.14
C THR B 72 -18.05 8.72 -7.48
N VAL B 73 -18.00 9.59 -6.47
CA VAL B 73 -17.93 11.03 -6.72
C VAL B 73 -16.53 11.42 -7.21
N LEU B 74 -15.50 10.92 -6.55
CA LEU B 74 -14.14 11.37 -6.83
C LEU B 74 -13.50 10.63 -8.00
N VAL B 75 -13.83 9.36 -8.20
CA VAL B 75 -13.11 8.54 -9.17
C VAL B 75 -13.97 8.23 -10.38
N LYS B 76 -15.00 7.38 -10.19
CA LYS B 76 -15.78 6.87 -11.30
C LYS B 76 -16.47 7.97 -12.10
N GLU B 77 -17.42 8.66 -11.47
CA GLU B 77 -18.16 9.72 -12.15
C GLU B 77 -17.51 11.09 -11.96
N CYS B 78 -16.19 11.18 -12.08
CA CYS B 78 -15.50 12.46 -11.93
C CYS B 78 -15.54 13.26 -13.21
N TYR B 79 -15.04 12.69 -14.32
CA TYR B 79 -15.00 13.39 -15.59
C TYR B 79 -16.40 13.75 -16.11
N SER B 80 -17.43 13.06 -15.62
CA SER B 80 -18.79 13.20 -16.16
C SER B 80 -19.65 14.14 -15.35
N VAL B 81 -19.68 13.99 -14.03
CA VAL B 81 -20.64 14.73 -13.20
C VAL B 81 -19.92 15.62 -12.20
N PHE B 82 -19.05 15.02 -11.38
CA PHE B 82 -18.38 15.74 -10.31
C PHE B 82 -16.98 16.14 -10.77
N THR B 83 -16.95 17.11 -11.68
CA THR B 83 -15.71 17.56 -12.31
C THR B 83 -15.11 18.79 -11.64
N ASN B 84 -15.94 19.72 -11.17
CA ASN B 84 -15.48 20.99 -10.66
C ASN B 84 -15.79 21.14 -9.18
N ARG B 85 -14.94 21.87 -8.48
CA ARG B 85 -15.19 22.20 -7.08
C ARG B 85 -16.18 23.36 -7.00
N ARG B 86 -16.47 23.81 -5.78
CA ARG B 86 -17.42 24.89 -5.60
C ARG B 86 -16.86 26.18 -6.20
N PRO B 87 -17.68 26.94 -6.93
CA PRO B 87 -17.16 28.15 -7.58
C PRO B 87 -16.61 29.15 -6.57
N PHE B 88 -15.49 29.77 -6.94
CA PHE B 88 -14.78 30.70 -6.08
C PHE B 88 -14.49 31.97 -6.86
N GLY B 89 -14.83 33.12 -6.26
CA GLY B 89 -14.61 34.40 -6.88
C GLY B 89 -14.81 35.54 -5.92
N PRO B 90 -14.48 36.78 -6.35
CA PRO B 90 -13.92 37.12 -7.66
C PRO B 90 -12.43 36.78 -7.77
N VAL B 91 -12.00 36.27 -8.93
CA VAL B 91 -10.64 35.79 -9.08
C VAL B 91 -9.90 36.58 -10.15
N GLY B 92 -10.61 37.02 -11.18
CA GLY B 92 -9.98 37.74 -12.27
C GLY B 92 -9.19 36.84 -13.19
N PHE B 93 -7.87 37.06 -13.26
CA PHE B 93 -7.02 36.24 -14.12
C PHE B 93 -6.66 34.90 -13.49
N MET B 94 -6.91 34.73 -12.19
CA MET B 94 -6.65 33.46 -11.52
C MET B 94 -7.68 32.40 -11.83
N LYS B 95 -8.66 32.70 -12.69
CA LYS B 95 -9.64 31.70 -13.09
C LYS B 95 -9.02 30.58 -13.92
N SER B 96 -7.84 30.83 -14.51
CA SER B 96 -7.16 29.84 -15.33
C SER B 96 -6.24 28.93 -14.52
N ALA B 97 -6.26 29.05 -13.18
CA ALA B 97 -5.48 28.15 -12.35
C ALA B 97 -6.09 26.75 -12.38
N ILE B 98 -5.23 25.74 -12.34
CA ILE B 98 -5.69 24.36 -12.45
C ILE B 98 -6.65 24.01 -11.30
N SER B 99 -6.46 24.61 -10.13
CA SER B 99 -7.34 24.39 -9.00
C SER B 99 -8.63 25.19 -9.08
N ILE B 100 -8.78 26.06 -10.07
CA ILE B 100 -9.96 26.91 -10.20
C ILE B 100 -10.60 26.67 -11.56
N ALA B 101 -9.80 26.28 -12.55
CA ALA B 101 -10.32 26.03 -13.89
C ALA B 101 -11.33 24.88 -13.86
N GLU B 102 -12.23 24.90 -14.84
CA GLU B 102 -13.34 23.97 -14.89
C GLU B 102 -13.44 23.31 -16.25
N ASP B 103 -13.85 22.04 -16.24
CA ASP B 103 -14.17 21.28 -17.45
C ASP B 103 -13.00 21.19 -18.42
N GLU B 104 -13.15 21.82 -19.60
CA GLU B 104 -12.19 21.63 -20.68
C GLU B 104 -10.84 22.23 -20.34
N GLU B 105 -10.84 23.41 -19.70
CA GLU B 105 -9.57 24.05 -19.36
C GLU B 105 -8.80 23.26 -18.31
N TRP B 106 -9.50 22.57 -17.42
CA TRP B 106 -8.83 21.77 -16.41
C TRP B 106 -8.18 20.53 -17.02
N LYS B 107 -8.82 19.93 -18.01
CA LYS B 107 -8.28 18.73 -18.63
C LYS B 107 -6.97 19.03 -19.37
N ARG B 108 -6.90 20.17 -20.05
CA ARG B 108 -5.70 20.51 -20.79
C ARG B 108 -4.57 20.90 -19.84
N LEU B 109 -4.89 21.48 -18.69
CA LEU B 109 -3.86 21.86 -17.73
C LEU B 109 -3.45 20.71 -16.83
N ARG B 110 -4.36 19.77 -16.56
CA ARG B 110 -4.00 18.61 -15.74
C ARG B 110 -2.99 17.73 -16.45
N SER B 111 -3.18 17.51 -17.76
CA SER B 111 -2.23 16.71 -18.52
C SER B 111 -0.94 17.47 -18.83
N LEU B 112 -1.01 18.80 -18.90
CA LEU B 112 0.17 19.59 -19.22
C LEU B 112 1.15 19.61 -18.05
N LEU B 113 0.64 19.76 -16.83
CA LEU B 113 1.49 19.90 -15.64
C LEU B 113 1.71 18.58 -14.92
N SER B 114 1.14 17.49 -15.42
CA SER B 114 1.34 16.17 -14.82
C SER B 114 2.79 15.68 -14.91
N PRO B 115 3.48 15.85 -16.07
CA PRO B 115 4.88 15.37 -16.13
C PRO B 115 5.83 16.11 -15.21
N THR B 116 5.34 17.12 -14.49
CA THR B 116 6.21 17.86 -13.58
C THR B 116 6.66 16.99 -12.40
N PHE B 117 5.82 16.07 -11.96
CA PHE B 117 6.15 15.26 -10.79
C PHE B 117 6.17 13.77 -11.12
N THR B 118 6.89 13.40 -12.17
CA THR B 118 7.07 12.00 -12.51
C THR B 118 8.14 11.38 -11.61
N SER B 119 8.40 10.08 -11.81
CA SER B 119 9.46 9.42 -11.07
C SER B 119 10.84 9.90 -11.48
N GLY B 120 10.97 10.44 -12.70
CA GLY B 120 12.24 10.95 -13.16
C GLY B 120 12.48 12.39 -12.78
N LYS B 121 11.45 13.23 -12.93
CA LYS B 121 11.58 14.64 -12.57
C LYS B 121 11.75 14.81 -11.06
N LEU B 122 11.18 13.90 -10.27
CA LEU B 122 11.36 13.97 -8.82
C LEU B 122 12.75 13.55 -8.40
N LYS B 123 13.30 12.53 -9.08
CA LYS B 123 14.66 12.09 -8.79
C LYS B 123 15.70 13.13 -9.21
N GLU B 124 15.35 14.03 -10.13
CA GLU B 124 16.25 15.10 -10.50
C GLU B 124 16.34 16.19 -9.44
N MET B 125 15.33 16.31 -8.58
CA MET B 125 15.27 17.37 -7.58
C MET B 125 15.99 17.02 -6.28
N VAL B 126 16.38 15.76 -6.09
CA VAL B 126 17.04 15.37 -4.85
C VAL B 126 18.39 16.08 -4.67
N PRO B 127 19.29 16.12 -5.66
CA PRO B 127 20.53 16.90 -5.47
C PRO B 127 20.29 18.39 -5.34
N ILE B 128 19.17 18.90 -5.84
CA ILE B 128 18.88 20.33 -5.72
C ILE B 128 18.31 20.65 -4.34
N ILE B 129 17.40 19.81 -3.85
CA ILE B 129 16.82 20.02 -2.53
C ILE B 129 17.86 19.83 -1.44
N ALA B 130 18.80 18.90 -1.63
CA ALA B 130 19.80 18.61 -0.60
C ALA B 130 20.68 19.80 -0.28
N GLN B 131 20.75 20.79 -1.17
CA GLN B 131 21.53 22.00 -0.87
C GLN B 131 20.92 22.77 0.29
N TYR B 132 19.61 23.01 0.23
CA TYR B 132 18.92 23.77 1.26
C TYR B 132 18.70 22.97 2.54
N GLY B 133 18.85 21.64 2.49
CA GLY B 133 18.78 20.86 3.70
C GLY B 133 19.93 21.13 4.64
N ASP B 134 21.07 21.58 4.10
CA ASP B 134 22.20 21.99 4.94
C ASP B 134 22.03 23.39 5.48
N VAL B 135 21.43 24.29 4.69
CA VAL B 135 21.13 25.62 5.18
C VAL B 135 20.06 25.56 6.27
N LEU B 136 19.17 24.58 6.20
CA LEU B 136 18.18 24.37 7.25
C LEU B 136 18.84 23.93 8.55
N VAL B 137 19.84 23.05 8.44
CA VAL B 137 20.56 22.60 9.64
C VAL B 137 21.49 23.68 10.15
N ARG B 138 22.14 24.42 9.25
CA ARG B 138 23.08 25.45 9.68
C ARG B 138 22.36 26.64 10.29
N ASN B 139 21.13 26.91 9.88
CA ASN B 139 20.35 27.98 10.50
C ASN B 139 19.72 27.53 11.80
N LEU B 140 19.36 26.25 11.91
CA LEU B 140 18.85 25.73 13.18
C LEU B 140 19.96 25.62 14.22
N ARG B 141 21.18 25.34 13.78
CA ARG B 141 22.30 25.19 14.72
C ARG B 141 22.65 26.51 15.39
N ARG B 142 22.36 27.63 14.74
CA ARG B 142 22.63 28.93 15.35
C ARG B 142 21.67 29.21 16.51
N GLU B 143 20.41 28.77 16.37
CA GLU B 143 19.43 28.91 17.44
C GLU B 143 19.36 27.70 18.36
N ALA B 144 20.23 26.73 18.08
CA ALA B 144 20.31 25.49 18.86
C ALA B 144 21.51 25.59 19.80
N GLU B 145 22.63 26.13 19.32
CA GLU B 145 23.82 26.30 20.14
C GLU B 145 23.38 27.01 21.40
N THR B 146 22.60 28.07 21.20
CA THR B 146 22.02 28.84 22.29
C THR B 146 20.64 28.28 22.61
N GLY B 147 20.25 28.40 23.88
CA GLY B 147 18.96 27.90 24.33
C GLY B 147 17.82 28.85 24.00
N LYS B 148 17.45 28.89 22.73
CA LYS B 148 16.36 29.75 22.28
C LYS B 148 15.36 28.95 21.46
N PRO B 149 14.12 28.90 21.95
CA PRO B 149 13.05 28.16 21.25
C PRO B 149 12.88 28.68 19.83
N VAL B 150 12.70 27.74 18.89
CA VAL B 150 12.67 28.06 17.47
C VAL B 150 11.23 28.01 16.98
N THR B 151 10.79 29.08 16.34
CA THR B 151 9.50 29.09 15.64
C THR B 151 9.64 28.25 14.40
N LEU B 152 9.14 27.01 14.46
CA LEU B 152 9.36 26.06 13.37
C LEU B 152 8.68 26.49 12.08
N LYS B 153 7.56 27.21 12.21
CA LYS B 153 6.82 27.68 11.05
C LYS B 153 7.66 28.66 10.23
N ASP B 154 8.51 29.41 10.91
CA ASP B 154 9.37 30.38 10.25
C ASP B 154 10.53 29.69 9.55
N VAL B 155 11.33 28.94 10.31
CA VAL B 155 12.46 28.22 9.75
C VAL B 155 12.02 27.28 8.63
N PHE B 156 10.90 26.59 8.87
CA PHE B 156 10.36 25.65 7.88
C PHE B 156 9.82 26.38 6.67
N GLY B 157 9.36 27.62 6.83
CA GLY B 157 8.80 28.36 5.71
C GLY B 157 9.87 28.82 4.73
N ALA B 158 11.05 29.20 5.25
CA ALA B 158 12.13 29.64 4.38
C ALA B 158 12.65 28.48 3.52
N TYR B 159 12.75 27.29 4.10
CA TYR B 159 13.19 26.12 3.34
C TYR B 159 12.17 25.73 2.27
N SER B 160 10.88 25.94 2.54
CA SER B 160 9.85 25.59 1.57
C SER B 160 9.82 26.55 0.40
N MET B 161 10.34 27.77 0.56
CA MET B 161 10.35 28.73 -0.54
C MET B 161 11.51 28.46 -1.50
N ASP B 162 12.67 28.06 -0.97
CA ASP B 162 13.81 27.77 -1.83
C ASP B 162 13.57 26.55 -2.70
N VAL B 163 12.90 25.52 -2.15
CA VAL B 163 12.69 24.29 -2.90
C VAL B 163 11.73 24.53 -4.07
N ILE B 164 10.67 25.29 -3.84
CA ILE B 164 9.66 25.47 -4.88
C ILE B 164 10.14 26.44 -5.95
N THR B 165 11.04 27.36 -5.61
CA THR B 165 11.54 28.32 -6.58
C THR B 165 12.79 27.83 -7.32
N SER B 166 13.31 26.65 -6.95
CA SER B 166 14.43 26.04 -7.67
C SER B 166 14.04 24.78 -8.43
N THR B 167 13.09 24.00 -7.91
CA THR B 167 12.58 22.84 -8.61
C THR B 167 11.50 23.20 -9.63
N SER B 168 11.02 24.44 -9.63
CA SER B 168 10.06 24.89 -10.61
C SER B 168 10.55 26.04 -11.47
N PHE B 169 11.64 26.72 -11.10
CA PHE B 169 12.08 27.87 -11.91
C PHE B 169 13.58 27.84 -12.03
N GLY B 170 14.23 27.37 -10.97
CA GLY B 170 15.68 27.29 -10.93
C GLY B 170 16.36 28.53 -10.40
N VAL B 171 15.73 29.27 -9.50
CA VAL B 171 16.26 30.52 -8.97
C VAL B 171 16.46 30.35 -7.47
N ASN B 172 17.64 30.77 -6.98
CA ASN B 172 17.93 30.75 -5.55
C ASN B 172 17.45 32.07 -4.93
N ILE B 173 16.67 31.98 -3.87
CA ILE B 173 16.06 33.18 -3.28
C ILE B 173 16.51 33.34 -1.82
N ASP B 174 15.90 32.58 -0.92
CA ASP B 174 16.23 32.71 0.49
C ASP B 174 17.69 32.34 0.75
N SER B 175 18.32 33.08 1.66
CA SER B 175 19.74 32.91 1.95
C SER B 175 20.06 31.50 2.45
N PRO B 179 16.32 35.26 5.69
CA PRO B 179 15.75 36.22 6.65
C PRO B 179 14.48 36.88 6.12
N GLN B 180 14.46 38.21 6.12
CA GLN B 180 13.33 38.96 5.59
C GLN B 180 13.32 38.88 4.07
N ASP B 181 12.62 37.88 3.53
CA ASP B 181 12.57 37.62 2.10
C ASP B 181 11.26 38.13 1.53
N PRO B 182 11.28 38.83 0.39
CA PRO B 182 10.02 39.36 -0.16
C PRO B 182 9.07 38.29 -0.68
N PHE B 183 9.58 37.11 -1.04
CA PHE B 183 8.69 36.04 -1.50
C PHE B 183 7.90 35.45 -0.34
N VAL B 184 8.59 35.06 0.73
CA VAL B 184 7.90 34.49 1.89
C VAL B 184 6.96 35.52 2.51
N GLU B 185 7.34 36.79 2.48
CA GLU B 185 6.51 37.83 3.07
C GLU B 185 5.23 38.03 2.26
N ASN B 186 5.32 37.96 0.93
CA ASN B 186 4.14 38.12 0.10
C ASN B 186 3.33 36.84 -0.01
N THR B 187 3.98 35.68 0.03
CA THR B 187 3.26 34.42 -0.14
C THR B 187 2.37 34.13 1.05
N LYS B 188 2.81 34.48 2.27
CA LYS B 188 2.00 34.26 3.45
C LYS B 188 0.79 35.19 3.51
N LYS B 189 0.85 36.34 2.84
CA LYS B 189 -0.26 37.27 2.76
C LYS B 189 -1.09 37.08 1.51
N LEU B 190 -0.92 35.97 0.80
CA LEU B 190 -1.60 35.78 -0.48
C LEU B 190 -3.09 35.51 -0.27
N LEU B 191 -3.44 34.72 0.75
CA LEU B 191 -4.83 34.41 1.02
C LEU B 191 -4.92 33.81 2.42
N ARG B 192 -5.82 34.37 3.24
CA ARG B 192 -6.15 33.81 4.56
C ARG B 192 -7.66 33.87 4.70
N PHE B 193 -8.33 32.77 4.33
CA PHE B 193 -9.78 32.68 4.47
C PHE B 193 -10.15 32.81 5.94
N ASP B 194 -10.50 34.01 6.36
CA ASP B 194 -10.92 34.29 7.73
C ASP B 194 -12.41 34.57 7.72
N PHE B 195 -13.19 33.73 8.39
CA PHE B 195 -14.63 33.94 8.45
C PHE B 195 -15.02 35.15 9.28
N LEU B 196 -14.09 35.70 10.07
CA LEU B 196 -14.34 36.98 10.72
C LEU B 196 -14.17 38.14 9.75
N ASP B 197 -13.32 37.98 8.74
CA ASP B 197 -13.09 38.99 7.73
C ASP B 197 -14.33 39.15 6.86
N PRO B 198 -15.01 40.29 6.87
CA PRO B 198 -16.29 40.44 6.15
C PRO B 198 -16.10 40.60 4.64
N PHE B 199 -15.45 39.63 4.03
CA PHE B 199 -15.32 39.59 2.58
C PHE B 199 -15.59 38.18 2.07
N PHE B 200 -14.80 37.21 2.53
CA PHE B 200 -15.05 35.82 2.17
C PHE B 200 -16.30 35.27 2.84
N LEU B 201 -16.81 35.94 3.86
CA LEU B 201 -18.06 35.54 4.49
C LEU B 201 -19.26 35.90 3.62
N SER B 202 -19.38 37.18 3.26
CA SER B 202 -20.49 37.62 2.43
C SER B 202 -20.47 36.99 1.04
N ILE B 203 -19.30 36.54 0.58
CA ILE B 203 -19.23 35.81 -0.68
C ILE B 203 -20.02 34.51 -0.58
N THR B 204 -20.00 33.87 0.59
CA THR B 204 -20.74 32.62 0.78
C THR B 204 -22.23 32.87 0.92
N VAL B 205 -22.61 33.81 1.79
CA VAL B 205 -24.03 34.10 2.00
C VAL B 205 -24.64 34.74 0.75
N PHE B 206 -23.90 35.64 0.09
CA PHE B 206 -24.34 36.32 -1.11
C PHE B 206 -23.41 35.95 -2.26
N PRO B 207 -23.59 34.77 -2.86
CA PRO B 207 -22.73 34.37 -3.99
C PRO B 207 -23.15 34.99 -5.32
N PHE B 208 -24.29 35.68 -5.37
CA PHE B 208 -24.79 36.25 -6.61
C PHE B 208 -24.32 37.68 -6.85
N LEU B 209 -23.34 38.15 -6.09
CA LEU B 209 -22.68 39.42 -6.36
C LEU B 209 -21.26 39.24 -6.89
N ILE B 210 -20.79 37.99 -7.02
CA ILE B 210 -19.50 37.74 -7.64
C ILE B 210 -19.44 38.24 -9.08
N PRO B 211 -20.48 38.09 -9.91
CA PRO B 211 -20.40 38.67 -11.26
C PRO B 211 -20.21 40.18 -11.26
N ILE B 212 -20.64 40.88 -10.22
CA ILE B 212 -20.44 42.33 -10.16
C ILE B 212 -18.96 42.65 -9.94
N LEU B 213 -18.33 41.95 -9.01
CA LEU B 213 -16.93 42.23 -8.69
C LEU B 213 -15.98 41.80 -9.79
N GLU B 214 -16.39 40.87 -10.66
CA GLU B 214 -15.52 40.45 -11.75
C GLU B 214 -15.41 41.52 -12.82
N VAL B 215 -16.54 42.13 -13.20
CA VAL B 215 -16.52 43.21 -14.18
C VAL B 215 -15.92 44.49 -13.62
N LEU B 216 -15.74 44.56 -12.30
CA LEU B 216 -15.07 45.68 -11.66
C LEU B 216 -13.58 45.41 -11.40
N ASN B 217 -13.05 44.33 -11.97
CA ASN B 217 -11.62 44.00 -11.88
C ASN B 217 -11.18 43.82 -10.42
N ILE B 218 -12.06 43.30 -9.59
CA ILE B 218 -11.77 43.06 -8.18
C ILE B 218 -11.37 41.60 -7.99
N CYS B 219 -10.45 41.36 -7.06
CA CYS B 219 -9.93 40.02 -6.83
C CYS B 219 -9.86 39.76 -5.34
N VAL B 220 -9.78 38.46 -4.99
CA VAL B 220 -9.67 38.10 -3.57
C VAL B 220 -8.22 38.16 -3.11
N PHE B 221 -7.26 37.96 -4.01
CA PHE B 221 -5.86 38.04 -3.64
C PHE B 221 -5.39 39.49 -3.74
N PRO B 222 -4.61 39.94 -2.74
CA PRO B 222 -4.14 41.32 -2.73
C PRO B 222 -3.50 41.72 -4.06
N ARG B 223 -3.69 42.99 -4.44
CA ARG B 223 -3.21 43.48 -5.72
C ARG B 223 -1.68 43.42 -5.79
N GLU B 224 -1.01 44.10 -4.88
CA GLU B 224 0.45 44.16 -4.90
C GLU B 224 1.11 42.89 -4.39
N VAL B 225 0.34 41.88 -4.01
CA VAL B 225 0.89 40.54 -3.82
C VAL B 225 0.83 39.76 -5.13
N THR B 226 -0.24 39.94 -5.91
CA THR B 226 -0.30 39.36 -7.24
C THR B 226 0.71 40.03 -8.18
N ASN B 227 0.80 41.36 -8.10
CA ASN B 227 1.77 42.08 -8.94
C ASN B 227 3.19 41.65 -8.63
N PHE B 228 3.51 41.48 -7.34
CA PHE B 228 4.85 41.01 -6.96
C PHE B 228 5.14 39.64 -7.52
N LEU B 229 4.12 38.79 -7.63
CA LEU B 229 4.29 37.46 -8.22
C LEU B 229 4.12 37.47 -9.74
N ARG B 230 3.37 38.43 -10.27
CA ARG B 230 3.15 38.50 -11.71
C ARG B 230 4.40 39.01 -12.44
N LYS B 231 5.09 39.98 -11.86
CA LYS B 231 6.30 40.51 -12.48
C LYS B 231 7.52 39.65 -12.21
N SER B 232 7.49 38.84 -11.14
CA SER B 232 8.64 37.98 -10.83
C SER B 232 8.70 36.78 -11.76
N VAL B 233 7.53 36.24 -12.16
CA VAL B 233 7.52 35.15 -13.13
C VAL B 233 7.96 35.66 -14.49
N LYS B 234 7.55 36.88 -14.85
CA LYS B 234 8.07 37.53 -16.05
C LYS B 234 9.57 37.80 -15.94
N ARG B 235 10.09 37.89 -14.71
CA ARG B 235 11.51 38.04 -14.46
C ARG B 235 12.27 36.72 -14.49
N MET B 236 11.62 35.63 -14.08
CA MET B 236 12.25 34.30 -14.09
C MET B 236 12.11 33.60 -15.43
N LYS B 237 11.58 34.27 -16.45
CA LYS B 237 11.29 33.64 -17.73
C LYS B 237 12.34 33.92 -18.80
N GLU B 238 13.42 34.60 -18.46
CA GLU B 238 14.45 34.96 -19.43
C GLU B 238 15.18 33.70 -19.90
N SER B 239 14.79 33.20 -21.07
CA SER B 239 15.43 32.05 -21.69
C SER B 239 15.47 30.84 -20.76
N VAL B 249 15.12 20.69 -17.80
CA VAL B 249 13.67 20.88 -17.93
C VAL B 249 13.01 20.87 -16.56
N ASP B 250 12.29 21.95 -16.25
CA ASP B 250 11.59 22.05 -14.98
C ASP B 250 10.15 22.50 -15.19
N PHE B 251 9.47 22.86 -14.09
CA PHE B 251 8.07 23.28 -14.20
C PHE B 251 7.92 24.51 -15.09
N LEU B 252 8.87 25.44 -15.03
CA LEU B 252 8.82 26.60 -15.90
C LEU B 252 9.09 26.23 -17.35
N GLN B 253 10.12 25.41 -17.58
CA GLN B 253 10.49 25.04 -18.95
C GLN B 253 9.41 24.19 -19.62
N LEU B 254 8.69 23.37 -18.83
CA LEU B 254 7.65 22.53 -19.39
C LEU B 254 6.49 23.34 -19.99
N MET B 255 6.31 24.58 -19.54
CA MET B 255 5.22 25.43 -20.02
C MET B 255 5.64 26.36 -21.15
N ILE B 256 6.88 26.83 -21.16
CA ILE B 256 7.35 27.68 -22.25
C ILE B 256 7.46 26.88 -23.53
N ASP B 257 7.79 25.58 -23.44
CA ASP B 257 7.87 24.74 -24.62
C ASP B 257 6.50 24.53 -25.25
N SER B 258 5.45 24.52 -24.44
CA SER B 258 4.09 24.45 -24.98
C SER B 258 3.57 25.81 -25.41
N GLN B 259 4.16 26.90 -24.91
CA GLN B 259 3.79 28.24 -25.35
C GLN B 259 4.37 28.57 -26.72
N ASN B 260 5.57 28.08 -27.01
CA ASN B 260 6.20 28.32 -28.30
C ASN B 260 5.74 27.31 -29.34
N ALA B 269 -1.82 25.70 -25.27
CA ALA B 269 -2.02 27.06 -25.76
C ALA B 269 -1.95 28.06 -24.61
N LEU B 270 -0.84 28.04 -23.88
CA LEU B 270 -0.67 28.92 -22.74
C LEU B 270 -0.43 30.36 -23.20
N SER B 271 -0.58 31.30 -22.26
CA SER B 271 -0.36 32.71 -22.50
C SER B 271 0.51 33.27 -21.39
N ASP B 272 0.80 34.57 -21.47
CA ASP B 272 1.61 35.25 -20.46
C ASP B 272 0.84 35.52 -19.18
N LEU B 273 -0.42 35.11 -19.09
CA LEU B 273 -1.24 35.30 -17.90
C LEU B 273 -1.63 34.00 -17.24
N GLU B 274 -1.94 32.96 -18.02
CA GLU B 274 -2.22 31.65 -17.44
C GLU B 274 -0.96 31.03 -16.85
N LEU B 275 0.20 31.31 -17.44
CA LEU B 275 1.47 30.79 -16.92
C LEU B 275 1.75 31.31 -15.53
N VAL B 276 1.44 32.59 -15.28
CA VAL B 276 1.65 33.17 -13.96
C VAL B 276 0.67 32.57 -12.95
N ALA B 277 -0.57 32.30 -13.39
CA ALA B 277 -1.58 31.79 -12.48
C ALA B 277 -1.18 30.44 -11.89
N GLN B 278 -0.53 29.59 -12.68
CA GLN B 278 -0.11 28.29 -12.16
C GLN B 278 1.09 28.42 -11.23
N SER B 279 1.99 29.38 -11.51
CA SER B 279 3.13 29.59 -10.62
C SER B 279 2.71 30.09 -9.25
N ILE B 280 1.63 30.88 -9.20
CA ILE B 280 1.13 31.36 -7.91
C ILE B 280 0.63 30.19 -7.07
N ILE B 281 0.01 29.21 -7.71
CA ILE B 281 -0.48 28.04 -6.98
C ILE B 281 0.68 27.18 -6.48
N PHE B 282 1.67 26.95 -7.34
CA PHE B 282 2.78 26.08 -6.97
C PHE B 282 3.63 26.71 -5.87
N ILE B 283 3.79 28.03 -5.89
CA ILE B 283 4.62 28.70 -4.89
C ILE B 283 3.93 28.72 -3.54
N PHE B 284 2.63 29.01 -3.52
CA PHE B 284 1.89 29.04 -2.26
C PHE B 284 1.80 27.65 -1.65
N ALA B 285 1.44 26.66 -2.46
CA ALA B 285 1.29 25.29 -1.94
C ALA B 285 2.61 24.72 -1.48
N GLY B 286 3.66 24.86 -2.30
CA GLY B 286 4.97 24.37 -1.92
C GLY B 286 5.55 25.04 -0.71
N TYR B 287 5.06 26.23 -0.36
CA TYR B 287 5.54 26.96 0.81
C TYR B 287 4.63 26.75 2.03
N GLU B 288 3.35 27.08 1.89
CA GLU B 288 2.47 27.09 3.06
C GLU B 288 2.14 25.67 3.52
N THR B 289 1.85 24.77 2.58
CA THR B 289 1.46 23.41 2.95
C THR B 289 2.63 22.63 3.52
N THR B 290 3.82 22.80 2.96
CA THR B 290 4.98 22.04 3.43
C THR B 290 5.42 22.51 4.82
N SER B 291 5.35 23.81 5.08
CA SER B 291 5.85 24.33 6.36
C SER B 291 4.90 24.00 7.50
N SER B 292 3.60 24.06 7.26
CA SER B 292 2.64 23.84 8.34
C SER B 292 2.62 22.37 8.77
N VAL B 293 2.75 21.45 7.83
CA VAL B 293 2.73 20.03 8.17
C VAL B 293 4.00 19.66 8.92
N LEU B 294 5.16 20.17 8.50
CA LEU B 294 6.40 19.90 9.21
C LEU B 294 6.36 20.43 10.63
N SER B 295 5.65 21.54 10.86
CA SER B 295 5.46 22.02 12.22
C SER B 295 4.51 21.10 13.00
N PHE B 296 3.50 20.55 12.31
CA PHE B 296 2.62 19.59 12.95
C PHE B 296 3.36 18.31 13.31
N ILE B 297 4.30 17.89 12.46
CA ILE B 297 5.04 16.65 12.71
C ILE B 297 5.98 16.81 13.89
N MET B 298 6.74 17.91 13.91
CA MET B 298 7.72 18.11 14.98
C MET B 298 7.03 18.32 16.33
N TYR B 299 5.79 18.80 16.34
CA TYR B 299 5.05 18.89 17.59
C TYR B 299 4.75 17.50 18.14
N GLU B 300 4.29 16.60 17.29
CA GLU B 300 3.97 15.24 17.73
C GLU B 300 5.23 14.50 18.16
N LEU B 301 6.34 14.74 17.47
CA LEU B 301 7.59 14.09 17.85
C LEU B 301 8.11 14.62 19.17
N ALA B 302 7.84 15.89 19.48
CA ALA B 302 8.26 16.45 20.76
C ALA B 302 7.34 16.02 21.90
N THR B 303 6.04 15.85 21.62
CA THR B 303 5.10 15.37 22.63
C THR B 303 5.15 13.85 22.79
N HIS B 304 5.77 13.13 21.86
CA HIS B 304 5.93 11.68 21.94
C HIS B 304 7.39 11.35 21.66
N PRO B 305 8.26 11.48 22.67
CA PRO B 305 9.69 11.22 22.43
C PRO B 305 10.00 9.79 22.04
N ASP B 306 9.17 8.83 22.45
CA ASP B 306 9.39 7.44 22.06
C ASP B 306 9.22 7.26 20.55
N VAL B 307 8.39 8.10 19.93
CA VAL B 307 8.24 8.07 18.48
C VAL B 307 9.40 8.81 17.81
N GLN B 308 9.83 9.93 18.40
CA GLN B 308 10.94 10.70 17.84
C GLN B 308 12.24 9.92 17.92
N GLN B 309 12.52 9.31 19.08
CA GLN B 309 13.74 8.53 19.23
C GLN B 309 13.73 7.29 18.33
N LYS B 310 12.59 6.61 18.24
CA LYS B 310 12.48 5.47 17.35
C LYS B 310 12.63 5.87 15.89
N LEU B 311 12.14 7.06 15.52
CA LEU B 311 12.33 7.54 14.16
C LEU B 311 13.77 7.96 13.92
N GLN B 312 14.45 8.50 14.94
CA GLN B 312 15.85 8.85 14.79
C GLN B 312 16.74 7.61 14.66
N GLU B 313 16.32 6.49 15.25
CA GLU B 313 17.10 5.26 15.13
C GLU B 313 17.01 4.67 13.73
N GLU B 314 15.87 4.83 13.06
CA GLU B 314 15.73 4.31 11.71
C GLU B 314 16.55 5.11 10.70
N ILE B 315 16.65 6.43 10.91
CA ILE B 315 17.39 7.26 9.98
C ILE B 315 18.88 6.95 10.05
N ASP B 316 19.39 6.65 11.24
CA ASP B 316 20.81 6.34 11.39
C ASP B 316 21.16 4.95 10.85
N ALA B 317 20.17 4.07 10.72
CA ALA B 317 20.44 2.73 10.21
C ALA B 317 20.51 2.73 8.69
N VAL B 318 19.53 3.34 8.02
CA VAL B 318 19.54 3.41 6.57
C VAL B 318 20.65 4.34 6.09
N LEU B 319 20.96 5.38 6.86
CA LEU B 319 21.98 6.37 6.50
C LEU B 319 22.98 6.47 7.64
N PRO B 320 24.01 5.62 7.65
CA PRO B 320 25.03 5.70 8.70
C PRO B 320 25.98 6.87 8.48
N ASN B 321 26.56 7.32 9.59
CA ASN B 321 27.52 8.43 9.60
C ASN B 321 26.91 9.70 9.01
N LYS B 322 25.63 9.92 9.28
CA LYS B 322 24.89 11.07 8.76
C LYS B 322 25.00 11.14 7.23
N ALA B 323 24.75 10.01 6.58
CA ALA B 323 24.85 9.96 5.13
C ALA B 323 23.76 10.81 4.49
N PRO B 324 24.06 11.51 3.40
CA PRO B 324 23.05 12.33 2.73
C PRO B 324 21.93 11.46 2.17
N PRO B 325 20.68 11.83 2.40
CA PRO B 325 19.56 11.02 1.89
C PRO B 325 19.39 11.22 0.39
N THR B 326 19.30 10.09 -0.32
CA THR B 326 19.05 10.10 -1.75
C THR B 326 17.58 9.80 -2.03
N TYR B 327 17.25 9.55 -3.30
CA TYR B 327 15.86 9.31 -3.66
C TYR B 327 15.38 7.94 -3.18
N ASP B 328 16.26 6.93 -3.24
CA ASP B 328 15.84 5.58 -2.91
C ASP B 328 15.80 5.34 -1.40
N THR B 329 16.73 5.93 -0.64
CA THR B 329 16.76 5.72 0.80
C THR B 329 15.55 6.35 1.49
N VAL B 330 14.91 7.34 0.87
CA VAL B 330 13.72 7.95 1.47
C VAL B 330 12.55 6.99 1.40
N LEU B 331 12.34 6.35 0.24
CA LEU B 331 11.24 5.41 0.07
C LEU B 331 11.43 4.13 0.87
N GLN B 332 12.63 3.88 1.40
CA GLN B 332 12.86 2.69 2.20
CA GLN B 332 12.86 2.69 2.20
C GLN B 332 12.41 2.86 3.64
N MET B 333 12.53 4.08 4.19
CA MET B 333 12.15 4.34 5.56
C MET B 333 10.66 4.10 5.78
N GLU B 334 10.34 3.00 6.47
CA GLU B 334 8.94 2.64 6.70
C GLU B 334 8.31 3.48 7.80
N TYR B 335 9.02 3.68 8.91
CA TYR B 335 8.45 4.43 10.03
C TYR B 335 8.33 5.91 9.69
N LEU B 336 9.23 6.44 8.87
CA LEU B 336 9.12 7.84 8.45
C LEU B 336 7.85 8.08 7.66
N ASP B 337 7.41 7.09 6.88
CA ASP B 337 6.13 7.21 6.18
C ASP B 337 4.97 7.04 7.17
N MET B 338 5.12 6.16 8.15
CA MET B 338 4.07 5.93 9.13
C MET B 338 3.83 7.14 10.03
N VAL B 339 4.84 7.99 10.23
CA VAL B 339 4.65 9.19 11.03
C VAL B 339 3.99 10.30 10.20
N VAL B 340 4.46 10.49 8.97
CA VAL B 340 3.86 11.50 8.10
C VAL B 340 2.42 11.14 7.78
N ASN B 341 2.15 9.86 7.56
CA ASN B 341 0.78 9.43 7.28
C ASN B 341 -0.13 9.61 8.49
N GLU B 342 0.42 9.47 9.71
CA GLU B 342 -0.39 9.64 10.90
C GLU B 342 -0.64 11.12 11.19
N THR B 343 0.35 11.97 10.93
CA THR B 343 0.16 13.41 11.12
C THR B 343 -0.87 13.96 10.14
N LEU B 344 -0.79 13.54 8.87
CA LEU B 344 -1.78 13.98 7.89
C LEU B 344 -3.18 13.49 8.21
N ARG B 345 -3.30 12.44 9.03
CA ARG B 345 -4.61 12.01 9.51
C ARG B 345 -5.14 12.97 10.57
N LEU B 346 -4.32 13.30 11.56
CA LEU B 346 -4.75 14.20 12.62
C LEU B 346 -4.97 15.62 12.10
N PHE B 347 -4.11 16.07 11.18
CA PHE B 347 -4.18 17.44 10.66
C PHE B 347 -4.28 17.40 9.14
N PRO B 348 -5.45 17.06 8.59
CA PRO B 348 -5.65 17.21 7.15
C PRO B 348 -5.88 18.66 6.78
N ILE B 349 -4.82 19.34 6.31
CA ILE B 349 -4.87 20.77 6.07
C ILE B 349 -5.97 21.15 5.08
N ALA B 350 -6.44 20.20 4.28
CA ALA B 350 -7.53 20.48 3.35
C ALA B 350 -8.89 20.48 4.04
N MET B 351 -9.03 19.71 5.13
CA MET B 351 -10.24 19.66 5.94
C MET B 351 -11.38 19.02 5.16
N ARG B 352 -11.70 19.54 3.97
CA ARG B 352 -12.83 19.04 3.19
C ARG B 352 -12.45 18.83 1.74
N LEU B 353 -13.19 17.91 1.09
CA LEU B 353 -13.14 17.71 -0.34
C LEU B 353 -14.50 18.06 -0.92
N GLU B 354 -14.52 18.82 -2.01
CA GLU B 354 -15.77 19.30 -2.58
C GLU B 354 -15.82 19.06 -4.08
N ARG B 355 -16.98 18.64 -4.56
CA ARG B 355 -17.27 18.47 -5.97
C ARG B 355 -18.69 18.97 -6.23
N VAL B 356 -18.88 19.68 -7.34
CA VAL B 356 -20.17 20.24 -7.70
C VAL B 356 -20.88 19.29 -8.65
N CYS B 357 -22.07 18.84 -8.24
CA CYS B 357 -22.89 17.98 -9.08
C CYS B 357 -23.44 18.78 -10.25
N LYS B 358 -22.95 18.49 -11.46
CA LYS B 358 -23.29 19.29 -12.63
C LYS B 358 -24.57 18.83 -13.32
N LYS B 359 -25.14 17.69 -12.93
CA LYS B 359 -26.40 17.24 -13.52
C LYS B 359 -27.00 16.17 -12.62
N ASP B 360 -28.31 15.98 -12.76
CA ASP B 360 -29.04 15.04 -11.91
C ASP B 360 -28.46 13.63 -12.04
N VAL B 361 -28.21 12.99 -10.89
CA VAL B 361 -27.63 11.66 -10.84
C VAL B 361 -28.27 10.88 -9.70
N GLU B 362 -28.00 9.58 -9.68
CA GLU B 362 -28.48 8.67 -8.64
C GLU B 362 -27.35 7.67 -8.37
N ILE B 363 -26.48 8.02 -7.41
CA ILE B 363 -25.28 7.24 -7.14
C ILE B 363 -25.49 6.42 -5.88
N ASN B 364 -25.16 5.12 -5.97
CA ASN B 364 -25.17 4.21 -4.82
C ASN B 364 -26.52 4.22 -4.09
N GLY B 365 -27.61 4.40 -4.85
CA GLY B 365 -28.93 4.39 -4.25
C GLY B 365 -29.33 5.68 -3.57
N MET B 366 -28.97 6.82 -4.15
CA MET B 366 -29.34 8.11 -3.58
C MET B 366 -29.36 9.15 -4.69
N PHE B 367 -30.48 9.87 -4.82
CA PHE B 367 -30.63 10.87 -5.86
C PHE B 367 -29.96 12.17 -5.43
N ILE B 368 -29.08 12.69 -6.28
CA ILE B 368 -28.40 13.96 -6.02
C ILE B 368 -28.75 14.93 -7.14
N PRO B 369 -29.47 16.01 -6.85
CA PRO B 369 -29.88 16.94 -7.91
C PRO B 369 -28.71 17.77 -8.41
N LYS B 370 -28.95 18.44 -9.53
CA LYS B 370 -27.95 19.32 -10.12
C LYS B 370 -27.80 20.58 -9.28
N GLY B 371 -26.55 20.99 -9.05
CA GLY B 371 -26.26 22.20 -8.30
C GLY B 371 -25.90 21.99 -6.85
N VAL B 372 -25.91 20.75 -6.37
CA VAL B 372 -25.58 20.46 -4.98
C VAL B 372 -24.08 20.19 -4.87
N VAL B 373 -23.44 20.81 -3.89
CA VAL B 373 -22.01 20.64 -3.67
C VAL B 373 -21.82 19.43 -2.76
N VAL B 374 -21.30 18.34 -3.33
CA VAL B 374 -21.00 17.15 -2.55
C VAL B 374 -19.70 17.38 -1.79
N MET B 375 -19.73 17.15 -0.48
CA MET B 375 -18.59 17.43 0.39
C MET B 375 -18.19 16.16 1.13
N ILE B 376 -16.89 15.89 1.16
CA ILE B 376 -16.32 14.77 1.90
C ILE B 376 -15.63 15.33 3.14
N PRO B 377 -16.18 15.15 4.34
CA PRO B 377 -15.53 15.66 5.55
C PRO B 377 -14.25 14.89 5.87
N SER B 378 -13.13 15.32 5.29
CA SER B 378 -11.87 14.62 5.48
C SER B 378 -11.44 14.63 6.94
N TYR B 379 -11.61 15.76 7.63
CA TYR B 379 -11.22 15.84 9.04
C TYR B 379 -12.12 14.95 9.89
N ALA B 380 -13.42 14.94 9.63
CA ALA B 380 -14.34 14.16 10.45
C ALA B 380 -14.12 12.66 10.24
N LEU B 381 -13.79 12.25 9.01
CA LEU B 381 -13.57 10.83 8.75
C LEU B 381 -12.25 10.34 9.32
N HIS B 382 -11.23 11.21 9.33
CA HIS B 382 -9.93 10.82 9.86
C HIS B 382 -9.93 10.56 11.36
N ARG B 383 -11.01 10.93 12.05
CA ARG B 383 -11.12 10.71 13.49
C ARG B 383 -12.44 10.01 13.81
N ASP B 384 -12.88 9.12 12.92
CA ASP B 384 -14.13 8.40 13.12
C ASP B 384 -13.88 7.21 14.05
N PRO B 385 -14.57 7.13 15.19
CA PRO B 385 -14.42 5.93 16.05
C PRO B 385 -14.83 4.65 15.36
N LYS B 386 -15.68 4.71 14.33
CA LYS B 386 -16.06 3.52 13.57
C LYS B 386 -14.92 3.01 12.70
N TYR B 387 -13.88 3.81 12.48
CA TYR B 387 -12.74 3.41 11.66
C TYR B 387 -11.41 3.40 12.41
N TRP B 388 -11.26 4.22 13.45
CA TRP B 388 -9.99 4.36 14.16
C TRP B 388 -10.21 4.08 15.65
N THR B 389 -9.32 3.27 16.22
CA THR B 389 -9.32 3.00 17.65
C THR B 389 -8.49 4.08 18.35
N GLU B 390 -9.12 4.80 19.29
CA GLU B 390 -8.51 5.96 19.93
C GLU B 390 -8.02 6.94 18.87
N PRO B 391 -8.92 7.57 18.11
CA PRO B 391 -8.47 8.40 16.99
C PRO B 391 -7.79 9.68 17.42
N GLU B 392 -8.11 10.21 18.61
CA GLU B 392 -7.49 11.43 19.08
C GLU B 392 -6.02 11.24 19.44
N LYS B 393 -5.60 10.02 19.74
CA LYS B 393 -4.23 9.77 20.17
C LYS B 393 -3.31 9.58 18.96
N PHE B 394 -2.07 10.01 19.12
CA PHE B 394 -1.07 9.95 18.06
C PHE B 394 -0.37 8.59 18.10
N LEU B 395 -0.73 7.72 17.16
CA LEU B 395 -0.16 6.38 17.09
C LEU B 395 0.25 6.09 15.65
N PRO B 396 1.53 6.29 15.29
CA PRO B 396 1.97 5.98 13.92
C PRO B 396 1.86 4.51 13.56
N GLU B 397 1.60 3.62 14.53
CA GLU B 397 1.45 2.20 14.24
C GLU B 397 0.17 1.87 13.48
N ARG B 398 -0.69 2.86 13.23
CA ARG B 398 -1.86 2.60 12.40
C ARG B 398 -1.49 2.31 10.95
N PHE B 399 -0.34 2.82 10.51
CA PHE B 399 0.08 2.70 9.12
C PHE B 399 1.18 1.65 8.92
N SER B 400 1.43 0.81 9.92
CA SER B 400 2.35 -0.30 9.72
C SER B 400 1.78 -1.28 8.71
N LYS B 401 2.67 -1.96 8.00
CA LYS B 401 2.25 -2.89 6.96
C LYS B 401 1.40 -4.03 7.50
N LYS B 402 1.45 -4.28 8.81
CA LYS B 402 0.53 -5.23 9.41
C LYS B 402 -0.88 -4.65 9.50
N ASN B 403 -0.99 -3.37 9.86
CA ASN B 403 -2.27 -2.73 10.07
C ASN B 403 -2.68 -1.80 8.93
N LYS B 404 -1.82 -1.65 7.90
CA LYS B 404 -2.16 -0.79 6.77
C LYS B 404 -3.39 -1.29 6.03
N ASP B 405 -3.57 -2.61 5.96
CA ASP B 405 -4.71 -3.20 5.24
C ASP B 405 -6.05 -2.86 5.86
N ASN B 406 -6.08 -2.35 7.08
CA ASN B 406 -7.33 -1.97 7.74
C ASN B 406 -7.78 -0.55 7.38
N ILE B 407 -7.07 0.12 6.48
CA ILE B 407 -7.34 1.53 6.15
C ILE B 407 -8.03 1.57 4.79
N ASP B 408 -9.24 2.13 4.77
CA ASP B 408 -9.97 2.32 3.52
C ASP B 408 -9.38 3.50 2.77
N PRO B 409 -9.06 3.36 1.48
CA PRO B 409 -8.44 4.47 0.73
C PRO B 409 -9.36 5.65 0.50
N TYR B 410 -10.65 5.54 0.80
CA TYR B 410 -11.60 6.63 0.62
C TYR B 410 -12.05 7.23 1.94
N ILE B 411 -11.53 6.75 3.07
CA ILE B 411 -11.72 7.38 4.36
C ILE B 411 -10.52 8.25 4.73
N TYR B 412 -9.31 7.76 4.44
CA TYR B 412 -8.07 8.51 4.65
C TYR B 412 -7.65 9.08 3.29
N THR B 413 -8.08 10.32 3.03
CA THR B 413 -7.75 11.02 1.78
C THR B 413 -7.15 12.38 2.11
N PRO B 414 -5.90 12.41 2.57
CA PRO B 414 -5.26 13.70 2.86
C PRO B 414 -4.91 14.49 1.61
N PHE B 415 -4.79 13.84 0.45
CA PHE B 415 -4.49 14.51 -0.81
C PHE B 415 -5.63 14.40 -1.80
N GLY B 416 -6.82 14.07 -1.33
CA GLY B 416 -7.94 13.83 -2.22
C GLY B 416 -7.84 12.47 -2.90
N SER B 417 -8.53 12.36 -4.02
CA SER B 417 -8.55 11.12 -4.80
C SER B 417 -9.03 11.43 -6.20
N GLY B 418 -9.06 10.40 -7.04
CA GLY B 418 -9.56 10.52 -8.39
C GLY B 418 -8.67 11.32 -9.29
N PRO B 419 -9.16 11.65 -10.50
CA PRO B 419 -8.35 12.40 -11.46
C PRO B 419 -8.06 13.84 -11.02
N ARG B 420 -8.69 14.33 -9.96
CA ARG B 420 -8.44 15.69 -9.52
C ARG B 420 -7.95 15.71 -8.08
N ASN B 421 -6.97 14.86 -7.77
CA ASN B 421 -6.36 14.86 -6.45
C ASN B 421 -5.24 15.90 -6.43
N CYS B 422 -4.43 15.89 -5.36
CA CYS B 422 -3.30 16.81 -5.30
C CYS B 422 -2.27 16.44 -6.35
N ILE B 423 -1.93 17.41 -7.20
CA ILE B 423 -0.95 17.16 -8.25
C ILE B 423 0.47 17.06 -7.69
N GLY B 424 0.73 17.68 -6.54
CA GLY B 424 2.03 17.60 -5.94
C GLY B 424 2.08 16.68 -4.73
N MET B 425 1.34 15.58 -4.81
CA MET B 425 1.32 14.61 -3.71
C MET B 425 2.67 13.93 -3.56
N ARG B 426 3.18 13.35 -4.65
CA ARG B 426 4.48 12.68 -4.60
C ARG B 426 5.62 13.66 -4.39
N PHE B 427 5.43 14.93 -4.74
CA PHE B 427 6.46 15.94 -4.51
C PHE B 427 6.51 16.36 -3.05
N ALA B 428 5.35 16.55 -2.42
CA ALA B 428 5.33 17.02 -1.04
C ALA B 428 5.81 15.93 -0.09
N LEU B 429 5.40 14.67 -0.32
CA LEU B 429 5.81 13.59 0.56
C LEU B 429 7.32 13.37 0.53
N MET B 430 7.95 13.59 -0.62
CA MET B 430 9.40 13.47 -0.69
C MET B 430 10.09 14.69 -0.08
N ASN B 431 9.57 15.90 -0.36
CA ASN B 431 10.21 17.12 0.13
C ASN B 431 10.11 17.23 1.66
N MET B 432 9.02 16.73 2.24
CA MET B 432 8.90 16.78 3.70
C MET B 432 9.80 15.75 4.36
N LYS B 433 9.89 14.54 3.79
CA LYS B 433 10.75 13.52 4.36
C LYS B 433 12.22 13.85 4.16
N LEU B 434 12.56 14.58 3.10
CA LEU B 434 13.94 15.04 2.93
C LEU B 434 14.34 16.02 4.02
N ALA B 435 13.38 16.76 4.57
CA ALA B 435 13.68 17.66 5.67
C ALA B 435 13.71 16.93 7.01
N LEU B 436 12.82 15.95 7.18
CA LEU B 436 12.78 15.21 8.45
C LEU B 436 14.02 14.35 8.65
N ILE B 437 14.67 13.93 7.56
CA ILE B 437 15.87 13.11 7.68
C ILE B 437 17.04 13.97 8.17
N ARG B 438 17.28 15.10 7.51
CA ARG B 438 18.43 15.93 7.85
C ARG B 438 18.28 16.64 9.19
N VAL B 439 17.04 16.85 9.65
CA VAL B 439 16.84 17.52 10.92
C VAL B 439 17.02 16.55 12.08
N LEU B 440 16.40 15.36 11.98
CA LEU B 440 16.52 14.37 13.04
C LEU B 440 17.91 13.75 13.09
N GLN B 441 18.72 13.89 12.03
CA GLN B 441 20.08 13.39 12.07
C GLN B 441 20.98 14.22 12.98
N ASN B 442 20.59 15.46 13.29
CA ASN B 442 21.44 16.35 14.05
C ASN B 442 20.78 16.99 15.26
N PHE B 443 19.45 16.91 15.40
CA PHE B 443 18.77 17.62 16.48
C PHE B 443 17.65 16.77 17.06
N SER B 444 17.45 16.89 18.37
CA SER B 444 16.29 16.35 19.06
C SER B 444 15.47 17.50 19.62
N PHE B 445 14.15 17.34 19.61
CA PHE B 445 13.23 18.42 19.93
C PHE B 445 12.48 18.12 21.22
N LYS B 446 12.45 19.09 22.13
CA LYS B 446 11.78 18.98 23.41
C LYS B 446 10.82 20.13 23.59
N PRO B 447 9.77 19.95 24.40
CA PRO B 447 8.85 21.06 24.67
C PRO B 447 9.56 22.22 25.37
N CYS B 448 8.93 23.41 25.28
CA CYS B 448 9.51 24.63 25.83
C CYS B 448 8.64 25.28 26.91
N LYS B 449 7.70 24.53 27.49
CA LYS B 449 6.77 25.05 28.49
C LYS B 449 5.82 26.06 27.83
N GLU B 450 6.36 27.09 27.18
CA GLU B 450 5.53 27.98 26.38
C GLU B 450 4.98 27.32 25.13
N THR B 451 5.26 26.03 24.92
CA THR B 451 4.68 25.28 23.81
C THR B 451 3.24 24.93 24.14
N GLN B 452 2.35 25.15 23.18
CA GLN B 452 0.92 24.92 23.36
C GLN B 452 0.67 23.42 23.44
N ILE B 453 0.53 22.90 24.66
CA ILE B 453 0.26 21.48 24.87
C ILE B 453 -1.01 21.35 25.71
N PRO B 454 -2.10 20.78 25.15
CA PRO B 454 -2.18 20.28 23.77
C PRO B 454 -2.33 21.38 22.74
N LEU B 455 -1.94 21.10 21.50
CA LEU B 455 -2.01 22.09 20.43
C LEU B 455 -3.47 22.41 20.11
N LYS B 456 -3.80 23.70 20.10
CA LYS B 456 -5.14 24.16 19.76
C LYS B 456 -5.18 24.52 18.29
N LEU B 457 -5.96 23.84 17.55
CA LEU B 457 -6.08 24.29 16.16
C LEU B 457 -6.82 25.62 16.10
N SER B 458 -6.54 26.38 15.05
CA SER B 458 -7.22 27.65 14.84
C SER B 458 -8.70 27.41 14.58
N LEU B 459 -9.55 27.95 15.45
CA LEU B 459 -10.99 27.79 15.33
C LEU B 459 -11.54 28.64 14.18
N GLY B 460 -10.64 29.17 13.37
CA GLY B 460 -11.02 30.01 12.25
C GLY B 460 -11.41 29.19 11.03
N GLY B 461 -10.74 29.46 9.91
CA GLY B 461 -11.01 28.74 8.68
C GLY B 461 -9.96 27.71 8.35
N LEU B 462 -8.82 28.17 7.84
CA LEU B 462 -7.72 27.27 7.49
C LEU B 462 -7.23 26.50 8.70
N LEU B 463 -6.61 25.35 8.45
CA LEU B 463 -6.09 24.51 9.52
C LEU B 463 -4.71 25.00 9.95
N GLN B 464 -4.73 25.48 11.12
CA GLN B 464 -3.45 25.91 11.63
C GLN B 464 -3.51 25.86 13.15
N PRO B 465 -2.38 25.96 13.83
CA PRO B 465 -2.41 26.13 15.28
C PRO B 465 -2.76 27.56 15.66
N GLU B 466 -3.40 27.69 16.83
CA GLU B 466 -3.69 29.01 17.37
C GLU B 466 -2.39 29.75 17.67
N LYS B 467 -1.65 29.28 18.65
CA LYS B 467 -0.33 29.82 18.95
C LYS B 467 0.72 29.14 18.08
N PRO B 468 1.69 29.89 17.57
CA PRO B 468 2.74 29.28 16.75
C PRO B 468 3.52 28.23 17.53
N VAL B 469 3.85 27.14 16.84
CA VAL B 469 4.55 26.03 17.48
C VAL B 469 5.98 26.44 17.81
N VAL B 470 6.37 26.28 19.07
CA VAL B 470 7.72 26.58 19.54
C VAL B 470 8.25 25.39 20.31
N LEU B 471 9.49 25.02 20.04
CA LEU B 471 10.12 23.86 20.67
C LEU B 471 11.58 24.16 20.97
N LYS B 472 12.14 23.37 21.87
CA LYS B 472 13.56 23.47 22.21
C LYS B 472 14.35 22.53 21.31
N VAL B 473 15.44 23.03 20.74
CA VAL B 473 16.27 22.26 19.80
C VAL B 473 17.58 21.93 20.51
N GLU B 474 17.88 20.63 20.60
CA GLU B 474 19.11 20.14 21.21
C GLU B 474 19.90 19.37 20.18
N SER B 475 21.15 19.78 19.95
CA SER B 475 21.99 19.12 18.96
C SER B 475 22.52 17.81 19.51
N ARG B 476 22.78 16.87 18.60
CA ARG B 476 23.27 15.55 18.97
C ARG B 476 24.78 15.46 18.78
CHA HEM C . 6.54 -14.97 -2.61
CHB HEM C . 3.60 -17.59 0.24
CHC HEM C . 0.04 -17.09 -3.01
CHD HEM C . 2.89 -14.28 -5.75
C1A HEM C . 6.06 -15.73 -1.57
C2A HEM C . 6.82 -16.14 -0.40
C3A HEM C . 6.01 -16.86 0.39
C4A HEM C . 4.72 -16.94 -0.25
CMA HEM C . 6.40 -17.51 1.73
CAA HEM C . 8.30 -15.80 -0.13
CBA HEM C . 8.42 -14.71 0.92
CGA HEM C . 9.85 -14.62 1.39
O1A HEM C . 10.11 -13.89 2.38
O2A HEM C . 10.72 -15.28 0.77
C1B HEM C . 2.39 -17.70 -0.39
C2B HEM C . 1.24 -18.44 0.08
C3B HEM C . 0.25 -18.31 -0.82
C4B HEM C . 0.74 -17.48 -1.89
CMB HEM C . 1.24 -19.23 1.42
CAB HEM C . -1.19 -18.88 -0.81
CBB HEM C . -1.74 -19.59 0.18
C1C HEM C . 0.47 -16.23 -4.00
C2C HEM C . -0.35 -15.65 -5.04
C3C HEM C . 0.41 -14.87 -5.80
C4C HEM C . 1.77 -14.93 -5.28
CMC HEM C . -1.87 -15.90 -5.23
CAC HEM C . -0.11 -14.08 -7.02
CBC HEM C . 0.67 -13.32 -7.79
C1D HEM C . 4.13 -14.25 -5.17
C2D HEM C . 5.33 -13.63 -5.72
C3D HEM C . 6.33 -13.83 -4.84
C4D HEM C . 5.81 -14.57 -3.72
CMD HEM C . 5.43 -12.89 -7.06
CAD HEM C . 7.78 -13.33 -5.01
CBD HEM C . 7.94 -12.06 -4.19
CGD HEM C . 9.21 -11.35 -4.54
O1D HEM C . 9.29 -10.12 -4.35
O2D HEM C . 10.16 -12.02 -5.04
NA HEM C . 4.78 -16.23 -1.43
NB HEM C . 2.05 -17.12 -1.61
NC HEM C . 1.76 -15.77 -4.18
ND HEM C . 4.47 -14.81 -3.95
FE HEM C . 3.25 -15.95 -2.77
S SO4 D . -5.42 -33.51 15.21
O1 SO4 D . -6.59 -34.37 15.11
O2 SO4 D . -4.36 -34.04 14.37
O3 SO4 D . -4.98 -33.48 16.60
O4 SO4 D . -5.76 -32.16 14.78
C1 GOL E . -24.68 -26.29 11.55
O1 GOL E . -24.35 -25.02 12.06
C2 GOL E . -23.69 -26.66 10.45
O2 GOL E . -24.15 -26.19 9.21
C3 GOL E . -23.51 -28.17 10.39
O3 GOL E . -22.72 -28.60 11.47
C1 EDO F . 20.37 -35.55 10.01
O1 EDO F . 19.00 -35.22 9.78
C2 EDO F . 20.95 -34.59 11.04
O2 EDO F . 21.98 -35.24 11.79
C1 EDO G . -14.66 -23.44 -12.81
O1 EDO G . -13.32 -23.04 -13.12
C2 EDO G . -14.79 -23.70 -11.31
O2 EDO G . -14.81 -22.45 -10.61
C1 EDO H . 8.37 -32.51 2.89
O1 EDO H . 9.47 -32.45 1.98
C2 EDO H . 8.39 -33.83 3.65
O2 EDO H . 9.56 -33.88 4.50
C01 X7D I . 14.85 -21.84 -3.08
C02 X7D I . 15.84 -21.86 -4.26
C03 X7D I . 17.12 -21.15 -3.92
C04 X7D I . 16.21 -23.36 -4.56
C06 X7D I . 14.63 -19.98 -5.34
C09 X7D I . 12.12 -19.81 -5.48
C10 X7D I . 11.21 -20.57 -6.47
C12 X7D I . 10.96 -20.19 -9.54
C13 X7D I . 10.27 -21.45 -10.19
C14 X7D I . 8.86 -21.37 -10.83
C15 X7D I . 8.35 -20.19 -11.43
C16 X7D I . 7.07 -20.14 -12.00
C17 X7D I . 6.24 -21.26 -12.02
C18 X7D I . 6.71 -22.45 -11.44
C19 X7D I . 8.00 -22.49 -10.86
C20 X7D I . 10.01 -19.11 -8.98
C23 X7D I . 7.86 -18.31 -7.83
C24 X7D I . 6.35 -18.53 -8.15
C25 X7D I . 5.34 -17.61 -7.39
C26 X7D I . 4.92 -18.11 -6.00
C27 X7D I . 5.07 -19.43 -5.57
C28 X7D I . 4.67 -19.84 -4.29
C29 X7D I . 4.11 -18.88 -3.43
C31 X7D I . 4.35 -17.23 -5.06
C32 X7D I . 11.56 -18.39 -5.07
C33 X7D I . 10.12 -18.24 -4.57
C34 X7D I . 9.39 -19.14 -3.68
C35 X7D I . 9.97 -20.35 -3.14
C36 X7D I . 9.26 -21.19 -2.31
C37 X7D I . 7.95 -20.88 -1.94
C38 X7D I . 7.35 -19.73 -2.42
C39 X7D I . 8.08 -18.86 -3.30
C40 X7D I . 7.42 -17.68 -3.78
C41 X7D I . 8.10 -16.82 -4.61
C42 X7D I . 9.44 -17.11 -4.99
N08 X7D I . 13.45 -19.69 -6.03
N22 X7D I . 8.78 -19.35 -8.39
N30 X7D I . 3.96 -17.59 -3.81
O05 X7D I . 15.20 -21.22 -5.42
O07 X7D I . 15.10 -19.08 -4.66
O21 X7D I . 10.39 -17.91 -9.04
S11 X7D I . 12.07 -20.76 -8.14
CHA HEM J . -5.07 19.80 -4.75
CHB HEM J . -3.69 18.33 -0.32
CHC HEM J . 0.76 20.06 -1.16
CHD HEM J . -0.63 21.59 -5.56
C1A HEM J . -5.10 19.26 -3.49
C2A HEM J . -6.24 18.63 -2.85
C3A HEM J . -5.85 18.23 -1.63
C4A HEM J . -4.46 18.58 -1.45
CMA HEM J . -6.74 17.51 -0.59
CAA HEM J . -7.64 18.47 -3.47
CBA HEM J . -7.86 17.03 -3.92
CGA HEM J . -9.31 16.83 -4.29
O1A HEM J . -9.70 15.68 -4.60
O2A HEM J . -10.07 17.84 -4.28
C1B HEM J . -2.36 18.64 -0.17
C2B HEM J . -1.53 18.31 0.97
C3B HEM J . -0.30 18.79 0.74
C4B HEM J . -0.31 19.44 -0.55
CMB HEM J . -2.06 17.52 2.20
CAB HEM J . 0.99 18.71 1.62
CBB HEM J . 1.07 18.10 2.81
C1C HEM J . 0.80 20.57 -2.44
C2C HEM J . 1.98 21.01 -3.15
C3C HEM J . 1.62 21.44 -4.36
C4C HEM J . 0.18 21.27 -4.48
CMC HEM J . 3.42 21.00 -2.59
CAC HEM J . 2.61 21.98 -5.42
CBC HEM J . 2.24 22.43 -6.61
C1D HEM J . -1.96 21.27 -5.71
C2D HEM J . -2.81 21.65 -6.83
C3D HEM J . -4.03 21.17 -6.61
C4D HEM J . -4.01 20.45 -5.34
CMD HEM J . -2.37 22.48 -8.04
CAD HEM J . -5.26 21.32 -7.53
CBD HEM J . -5.18 20.29 -8.66
CGD HEM J . -6.48 20.29 -9.42
O1D HEM J . -6.54 19.61 -10.49
O2D HEM J . -7.45 20.95 -8.98
NA HEM J . -4.03 19.20 -2.60
NB HEM J . -1.59 19.34 -1.08
NC HEM J . -0.28 20.75 -3.28
ND HEM J . -2.73 20.54 -4.83
FE HEM J . -2.14 19.91 -2.97
C01 X7D K . -14.53 25.31 0.05
C02 X7D K . -14.64 26.75 -0.48
C03 X7D K . -15.78 26.92 -1.48
C04 X7D K . -14.94 27.68 0.73
C06 X7D K . -12.87 26.54 -2.25
C09 X7D K . -10.34 26.40 -2.52
C10 X7D K . -9.32 27.55 -2.31
C12 X7D K . -7.81 29.60 -4.02
C13 X7D K . -7.19 30.20 -2.73
C14 X7D K . -5.69 30.56 -2.67
C15 X7D K . -4.95 30.88 -3.83
C16 X7D K . -3.59 31.22 -3.78
C17 X7D K . -2.93 31.25 -2.55
C18 X7D K . -3.64 30.95 -1.39
C19 X7D K . -5.00 30.60 -1.46
C20 X7D K . -6.94 28.51 -4.64
C23 X7D K . -5.32 26.53 -4.41
C24 X7D K . -3.97 26.39 -3.62
C25 X7D K . -3.13 25.09 -3.87
C26 X7D K . -3.16 24.07 -2.74
C27 X7D K . -3.54 24.39 -1.42
C28 X7D K . -3.54 23.40 -0.42
C29 X7D K . -3.17 22.09 -0.76
C31 X7D K . -2.81 22.73 -2.97
C32 X7D K . -9.88 25.37 -3.63
C33 X7D K . -8.84 24.28 -3.31
C34 X7D K . -8.75 23.49 -2.06
C35 X7D K . -9.68 23.70 -0.97
C36 X7D K . -9.59 22.96 0.20
C37 X7D K . -8.58 22.00 0.35
C38 X7D K . -7.69 21.76 -0.67
C39 X7D K . -7.78 22.54 -1.89
C40 X7D K . -6.82 22.26 -2.93
C41 X7D K . -6.90 22.98 -4.11
C42 X7D K . -7.90 23.97 -4.28
N08 X7D K . -11.67 26.97 -2.81
N22 X7D K . -6.19 27.61 -3.89
N30 X7D K . -2.80 21.77 -2.03
O05 X7D K . -13.37 27.14 -1.11
O07 X7D K . -13.43 25.60 -2.82
O21 X7D K . -6.88 28.42 -5.89
S11 X7D K . -9.48 28.88 -3.59
#